data_2ZR3
#
_entry.id   2ZR3
#
_cell.length_a   96.649
_cell.length_b   120.268
_cell.length_c   127.056
_cell.angle_alpha   90.00
_cell.angle_beta   90.00
_cell.angle_gamma   90.00
#
_symmetry.space_group_name_H-M   'P 21 21 21'
#
loop_
_entity.id
_entity.type
_entity.pdbx_description
1 polymer 'Seryl-tRNA synthetase'
2 water water
#
_entity_poly.entity_id   1
_entity_poly.type   'polypeptide(L)'
_entity_poly.pdbx_seq_one_letter_code
;MLDIKLIRENPELVKNDLIKRGELEKVKWVDEILKLDTEWRTKLKEINRLRHERNKIAVEIGKRRKKGEPVDELLAKSRE
IVKRIGELENEVEELKKKIDYYLWRLPNITHPSVPVGKDENDNVPIRFWGKARVWKGHLERFLEQSQGKMEYEILEWKPK
LHVDLLEILGGADFARAAKVSGSRFYYLLNEIVILDLALIRFALDRLIEKGFTPVIPPYMVRRFVEEGSTSFEDFEDVIY
KVEDEDLYLIPTAEHPLAGMHANEILDGKDLPLLYVGVSPCFRKEAGTAGKDTKGIFRVHQFHKVEQFVYSRPEESWEWH
EKIIRNAEELFQELEIPYRVVNICTGDLGYVAAKKYDIEAWMPGQGKFREVVSASNCTDWQARRLNIRFRDRTDEKPRYV
HTLNSTAIATSRAIVAILENHQEEDGTVRIPKVLWKYTGFKEIVPVEKKERCCAT
;
_entity_poly.pdbx_strand_id   A,B
#
# COMPACT_ATOMS: atom_id res chain seq x y z
N MET A 1 13.86 -2.17 -22.98
CA MET A 1 14.90 -2.95 -23.73
C MET A 1 15.09 -2.41 -25.14
N LEU A 2 16.33 -2.35 -25.57
CA LEU A 2 16.59 -1.84 -26.89
C LEU A 2 16.52 -2.91 -27.96
N ASP A 3 16.10 -2.46 -29.14
CA ASP A 3 15.94 -3.34 -30.29
C ASP A 3 17.26 -3.71 -30.94
N ILE A 4 17.62 -4.99 -30.86
CA ILE A 4 18.87 -5.49 -31.44
C ILE A 4 19.09 -4.94 -32.86
N LYS A 5 18.02 -4.87 -33.66
CA LYS A 5 18.10 -4.37 -35.03
C LYS A 5 18.67 -2.94 -35.06
N LEU A 6 18.19 -2.08 -34.17
CA LEU A 6 18.63 -0.70 -34.10
C LEU A 6 20.15 -0.59 -33.89
N ILE A 7 20.70 -1.28 -32.90
CA ILE A 7 22.15 -1.23 -32.67
C ILE A 7 22.90 -1.72 -33.90
N ARG A 8 22.37 -2.75 -34.55
CA ARG A 8 23.01 -3.28 -35.73
C ARG A 8 22.98 -2.29 -36.88
N GLU A 9 21.83 -1.65 -37.10
CA GLU A 9 21.70 -0.71 -38.21
C GLU A 9 22.13 0.74 -38.04
N ASN A 10 22.52 1.14 -36.83
CA ASN A 10 22.97 2.52 -36.65
C ASN A 10 23.63 2.79 -35.31
N PRO A 11 24.72 2.08 -35.02
CA PRO A 11 25.46 2.23 -33.77
C PRO A 11 25.84 3.68 -33.46
N GLU A 12 26.07 4.48 -34.49
CA GLU A 12 26.45 5.87 -34.27
C GLU A 12 25.28 6.68 -33.73
N LEU A 13 24.08 6.39 -34.23
CA LEU A 13 22.87 7.09 -33.79
C LEU A 13 22.66 6.83 -32.30
N VAL A 14 22.87 5.57 -31.91
CA VAL A 14 22.68 5.17 -30.53
C VAL A 14 23.82 5.76 -29.69
N LYS A 15 25.04 5.53 -30.12
CA LYS A 15 26.19 6.06 -29.38
C LYS A 15 26.03 7.54 -29.06
N ASN A 16 25.55 8.31 -30.03
CA ASN A 16 25.39 9.74 -29.82
C ASN A 16 24.31 10.03 -28.80
N ASP A 17 23.24 9.25 -28.83
CA ASP A 17 22.17 9.48 -27.89
C ASP A 17 22.68 9.20 -26.50
N LEU A 18 23.38 8.07 -26.35
CA LEU A 18 23.93 7.71 -25.06
C LEU A 18 24.71 8.89 -24.50
N ILE A 19 25.28 9.68 -25.40
CA ILE A 19 26.07 10.82 -24.99
C ILE A 19 25.20 12.02 -24.68
N LYS A 20 24.09 12.18 -25.38
CA LYS A 20 23.21 13.30 -25.09
C LYS A 20 22.61 13.10 -23.70
N ARG A 21 22.40 11.84 -23.34
CA ARG A 21 21.83 11.49 -22.04
C ARG A 21 22.87 11.57 -20.95
N GLY A 22 24.13 11.69 -21.34
CA GLY A 22 25.20 11.77 -20.36
C GLY A 22 25.60 10.40 -19.82
N GLU A 23 25.27 9.34 -20.55
CA GLU A 23 25.62 8.00 -20.12
C GLU A 23 26.86 7.53 -20.88
N LEU A 24 27.96 8.27 -20.76
CA LEU A 24 29.19 7.88 -21.47
C LEU A 24 29.69 6.52 -21.04
N GLU A 25 29.61 6.26 -19.74
CA GLU A 25 30.03 4.99 -19.15
C GLU A 25 29.52 3.78 -19.95
N LYS A 26 28.54 4.00 -20.83
CA LYS A 26 27.94 2.91 -21.60
C LYS A 26 28.12 2.90 -23.12
N VAL A 27 28.54 4.01 -23.70
CA VAL A 27 28.74 4.03 -25.14
C VAL A 27 29.62 2.84 -25.58
N LYS A 28 30.63 2.50 -24.77
CA LYS A 28 31.53 1.39 -25.09
C LYS A 28 30.81 0.04 -25.24
N TRP A 29 29.54 0.02 -24.86
CA TRP A 29 28.73 -1.20 -24.94
C TRP A 29 28.29 -1.47 -26.36
N VAL A 30 27.95 -0.41 -27.08
CA VAL A 30 27.50 -0.52 -28.46
C VAL A 30 28.43 -1.43 -29.25
N ASP A 31 29.72 -1.18 -29.12
CA ASP A 31 30.71 -1.98 -29.83
C ASP A 31 30.72 -3.40 -29.33
N GLU A 32 30.70 -3.55 -28.01
CA GLU A 32 30.73 -4.87 -27.38
C GLU A 32 29.51 -5.71 -27.73
N ILE A 33 28.40 -5.05 -28.06
CA ILE A 33 27.16 -5.74 -28.43
C ILE A 33 27.28 -6.34 -29.83
N LEU A 34 27.81 -5.55 -30.75
CA LEU A 34 28.01 -5.99 -32.13
C LEU A 34 29.07 -7.10 -32.10
N LYS A 35 30.15 -6.85 -31.36
CA LYS A 35 31.24 -7.82 -31.22
C LYS A 35 30.63 -9.20 -30.98
N LEU A 36 29.70 -9.24 -30.02
CA LEU A 36 29.00 -10.46 -29.61
C LEU A 36 27.92 -10.84 -30.61
N ASP A 37 27.18 -9.84 -31.08
CA ASP A 37 26.13 -10.11 -32.05
C ASP A 37 26.77 -10.86 -33.22
N THR A 38 27.99 -10.46 -33.57
CA THR A 38 28.70 -11.09 -34.68
C THR A 38 29.08 -12.54 -34.41
N GLU A 39 29.70 -12.81 -33.27
CA GLU A 39 30.11 -14.17 -32.94
C GLU A 39 28.87 -15.06 -32.90
N TRP A 40 27.77 -14.47 -32.47
CA TRP A 40 26.51 -15.18 -32.38
C TRP A 40 26.10 -15.72 -33.75
N ARG A 41 26.11 -14.85 -34.76
CA ARG A 41 25.71 -15.27 -36.09
C ARG A 41 26.69 -16.14 -36.87
N THR A 42 27.98 -16.10 -36.55
CA THR A 42 28.87 -16.97 -37.30
C THR A 42 28.72 -18.38 -36.72
N LYS A 43 28.52 -18.46 -35.41
CA LYS A 43 28.34 -19.75 -34.77
C LYS A 43 27.06 -20.39 -35.28
N LEU A 44 26.09 -19.55 -35.64
CA LEU A 44 24.85 -20.08 -36.18
C LEU A 44 25.24 -20.70 -37.52
N LYS A 45 25.91 -19.89 -38.34
CA LYS A 45 26.36 -20.31 -39.65
C LYS A 45 27.05 -21.67 -39.54
N GLU A 46 27.93 -21.82 -38.55
CA GLU A 46 28.63 -23.07 -38.38
C GLU A 46 27.69 -24.22 -38.06
N ILE A 47 26.78 -24.02 -37.12
CA ILE A 47 25.86 -25.10 -36.80
C ILE A 47 25.18 -25.60 -38.07
N ASN A 48 24.65 -24.69 -38.87
CA ASN A 48 24.01 -25.08 -40.12
C ASN A 48 24.99 -25.82 -41.02
N ARG A 49 26.25 -25.35 -41.06
CA ARG A 49 27.29 -25.97 -41.88
C ARG A 49 27.33 -27.41 -41.38
N LEU A 50 27.43 -27.53 -40.05
CA LEU A 50 27.50 -28.81 -39.38
C LEU A 50 26.31 -29.72 -39.63
N ARG A 51 25.10 -29.18 -39.52
CA ARG A 51 23.88 -29.96 -39.77
C ARG A 51 23.91 -30.53 -41.20
N HIS A 52 24.26 -29.70 -42.17
CA HIS A 52 24.33 -30.11 -43.58
C HIS A 52 25.36 -31.23 -43.75
N GLU A 53 26.44 -31.15 -42.99
CA GLU A 53 27.52 -32.12 -43.03
C GLU A 53 27.03 -33.51 -42.61
N ARG A 54 26.35 -33.57 -41.47
CA ARG A 54 25.86 -34.86 -40.97
C ARG A 54 24.95 -35.51 -42.00
N ASN A 55 24.21 -34.70 -42.75
CA ASN A 55 23.35 -35.25 -43.78
C ASN A 55 24.24 -35.93 -44.80
N LYS A 56 25.27 -35.22 -45.26
CA LYS A 56 26.18 -35.77 -46.26
C LYS A 56 26.91 -37.01 -45.74
N ILE A 57 27.44 -36.91 -44.52
CA ILE A 57 28.13 -38.06 -43.94
C ILE A 57 27.17 -39.22 -43.72
N ALA A 58 25.88 -38.93 -43.68
CA ALA A 58 24.86 -39.95 -43.46
C ALA A 58 24.62 -40.80 -44.71
N VAL A 59 24.37 -40.14 -45.83
CA VAL A 59 24.14 -40.85 -47.08
C VAL A 59 25.40 -41.61 -47.49
N GLU A 60 26.57 -41.05 -47.18
CA GLU A 60 27.84 -41.65 -47.53
C GLU A 60 28.07 -43.00 -46.86
N ILE A 61 27.61 -43.13 -45.61
CA ILE A 61 27.76 -44.39 -44.91
C ILE A 61 26.83 -45.39 -45.60
N GLY A 62 25.72 -44.87 -46.11
CA GLY A 62 24.77 -45.72 -46.80
C GLY A 62 25.38 -46.29 -48.06
N LYS A 63 26.03 -45.43 -48.85
CA LYS A 63 26.66 -45.88 -50.08
C LYS A 63 27.68 -46.97 -49.81
N ARG A 64 28.38 -46.86 -48.68
CA ARG A 64 29.38 -47.84 -48.31
C ARG A 64 28.73 -49.11 -47.76
N ARG A 65 27.46 -49.02 -47.41
CA ARG A 65 26.72 -50.16 -46.88
C ARG A 65 26.73 -51.26 -47.95
N LYS A 66 26.88 -50.84 -49.19
CA LYS A 66 26.91 -51.76 -50.32
C LYS A 66 28.36 -52.10 -50.65
N LYS A 67 29.27 -51.18 -50.34
CA LYS A 67 30.69 -51.36 -50.62
C LYS A 67 31.38 -52.15 -49.50
N GLY A 68 32.67 -51.89 -49.28
CA GLY A 68 33.40 -52.58 -48.25
C GLY A 68 33.00 -52.08 -46.87
N GLU A 69 32.17 -51.04 -46.85
CA GLU A 69 31.65 -50.44 -45.62
C GLU A 69 32.70 -50.26 -44.50
N PRO A 70 33.82 -49.59 -44.81
CA PRO A 70 34.83 -49.38 -43.77
C PRO A 70 34.40 -48.13 -42.99
N VAL A 71 33.10 -48.03 -42.73
CA VAL A 71 32.50 -46.88 -42.04
C VAL A 71 32.85 -46.65 -40.58
N ASP A 72 33.87 -47.32 -40.06
CA ASP A 72 34.25 -47.10 -38.67
C ASP A 72 34.61 -45.64 -38.47
N GLU A 73 35.19 -45.03 -39.50
CA GLU A 73 35.60 -43.64 -39.42
C GLU A 73 34.43 -42.68 -39.45
N LEU A 74 33.62 -42.74 -40.51
CA LEU A 74 32.45 -41.87 -40.64
C LEU A 74 31.59 -41.83 -39.36
N LEU A 75 31.38 -42.99 -38.75
CA LEU A 75 30.60 -43.07 -37.52
C LEU A 75 31.31 -42.36 -36.38
N ALA A 76 32.55 -41.94 -36.64
CA ALA A 76 33.32 -41.23 -35.63
C ALA A 76 33.23 -39.73 -35.92
N LYS A 77 33.20 -39.37 -37.20
CA LYS A 77 33.12 -37.97 -37.56
C LYS A 77 31.70 -37.50 -37.23
N SER A 78 30.79 -38.45 -37.17
CA SER A 78 29.40 -38.16 -36.85
C SER A 78 29.31 -37.81 -35.37
N ARG A 79 29.83 -38.69 -34.53
CA ARG A 79 29.82 -38.49 -33.08
C ARG A 79 30.51 -37.16 -32.73
N GLU A 80 31.36 -36.71 -33.65
CA GLU A 80 32.11 -35.46 -33.47
C GLU A 80 31.16 -34.29 -33.77
N ILE A 81 30.48 -34.36 -34.91
CA ILE A 81 29.55 -33.30 -35.30
C ILE A 81 28.50 -33.06 -34.23
N VAL A 82 27.91 -34.13 -33.73
CA VAL A 82 26.90 -34.01 -32.70
C VAL A 82 27.52 -33.43 -31.43
N LYS A 83 28.80 -33.72 -31.20
CA LYS A 83 29.50 -33.19 -30.02
C LYS A 83 29.61 -31.69 -30.21
N ARG A 84 30.10 -31.33 -31.39
CA ARG A 84 30.29 -29.93 -31.75
C ARG A 84 28.97 -29.16 -31.69
N ILE A 85 27.96 -29.62 -32.43
CA ILE A 85 26.66 -28.95 -32.47
C ILE A 85 26.16 -28.49 -31.10
N GLY A 86 26.04 -29.42 -30.15
CA GLY A 86 25.57 -29.05 -28.82
C GLY A 86 26.45 -27.97 -28.21
N GLU A 87 27.76 -28.19 -28.24
CA GLU A 87 28.68 -27.21 -27.68
C GLU A 87 28.40 -25.84 -28.29
N LEU A 88 28.34 -25.76 -29.60
CA LEU A 88 28.05 -24.49 -30.24
C LEU A 88 26.73 -23.91 -29.75
N GLU A 89 25.67 -24.71 -29.86
CA GLU A 89 24.35 -24.29 -29.42
C GLU A 89 24.47 -23.69 -28.02
N ASN A 90 25.14 -24.40 -27.12
CA ASN A 90 25.31 -23.84 -25.79
C ASN A 90 26.08 -22.53 -25.86
N GLU A 91 27.20 -22.50 -26.58
CA GLU A 91 28.01 -21.29 -26.70
C GLU A 91 27.16 -20.12 -27.21
N VAL A 92 26.25 -20.42 -28.14
CA VAL A 92 25.38 -19.40 -28.66
C VAL A 92 24.43 -18.93 -27.57
N GLU A 93 23.85 -19.89 -26.86
CA GLU A 93 22.93 -19.57 -25.77
C GLU A 93 23.60 -18.59 -24.82
N GLU A 94 24.90 -18.72 -24.63
CA GLU A 94 25.62 -17.83 -23.72
C GLU A 94 25.76 -16.42 -24.28
N LEU A 95 26.00 -16.32 -25.58
CA LEU A 95 26.15 -15.02 -26.20
C LEU A 95 24.88 -14.19 -26.17
N LYS A 96 23.74 -14.84 -26.43
CA LYS A 96 22.46 -14.15 -26.42
C LYS A 96 22.20 -13.51 -25.06
N LYS A 97 22.60 -14.18 -24.00
CA LYS A 97 22.39 -13.63 -22.67
C LYS A 97 23.21 -12.35 -22.46
N LYS A 98 24.51 -12.44 -22.70
CA LYS A 98 25.41 -11.29 -22.53
C LYS A 98 24.89 -10.12 -23.37
N ILE A 99 24.38 -10.44 -24.56
CA ILE A 99 23.85 -9.41 -25.42
C ILE A 99 22.63 -8.80 -24.76
N ASP A 100 21.68 -9.65 -24.39
CA ASP A 100 20.43 -9.21 -23.74
C ASP A 100 20.69 -8.44 -22.47
N TYR A 101 21.67 -8.88 -21.70
CA TYR A 101 22.02 -8.21 -20.45
C TYR A 101 22.22 -6.70 -20.70
N TYR A 102 22.97 -6.39 -21.75
CA TYR A 102 23.25 -5.01 -22.11
C TYR A 102 22.03 -4.30 -22.69
N LEU A 103 21.28 -4.99 -23.53
CA LEU A 103 20.11 -4.41 -24.15
C LEU A 103 19.09 -3.94 -23.12
N TRP A 104 18.94 -4.71 -22.04
CA TRP A 104 17.96 -4.37 -20.99
C TRP A 104 18.41 -3.18 -20.20
N ARG A 105 19.70 -2.88 -20.29
CA ARG A 105 20.25 -1.78 -19.53
C ARG A 105 20.60 -0.54 -20.36
N LEU A 106 19.95 -0.36 -21.50
CA LEU A 106 20.19 0.81 -22.33
C LEU A 106 18.92 1.62 -22.41
N PRO A 107 19.04 2.93 -22.24
CA PRO A 107 17.90 3.85 -22.29
C PRO A 107 17.30 3.97 -23.67
N ASN A 108 15.97 4.13 -23.70
CA ASN A 108 15.23 4.30 -24.94
C ASN A 108 15.90 5.42 -25.74
N ILE A 109 15.80 5.33 -27.06
CA ILE A 109 16.37 6.32 -27.95
C ILE A 109 15.49 7.57 -27.88
N THR A 110 16.10 8.74 -27.71
CA THR A 110 15.33 9.98 -27.64
C THR A 110 14.84 10.45 -28.99
N HIS A 111 13.68 11.06 -28.98
CA HIS A 111 13.07 11.64 -30.16
C HIS A 111 13.88 12.92 -30.43
N PRO A 112 14.02 13.33 -31.70
CA PRO A 112 14.78 14.53 -32.02
C PRO A 112 14.20 15.86 -31.52
N SER A 113 12.99 15.83 -31.00
CA SER A 113 12.35 17.03 -30.47
C SER A 113 12.83 17.29 -29.04
N VAL A 114 13.50 16.31 -28.46
CA VAL A 114 14.03 16.44 -27.11
C VAL A 114 15.19 17.41 -27.09
N PRO A 115 15.13 18.45 -26.27
CA PRO A 115 16.25 19.38 -26.24
C PRO A 115 17.44 18.72 -25.54
N VAL A 116 18.67 19.00 -25.98
CA VAL A 116 19.83 18.39 -25.33
C VAL A 116 20.13 19.13 -24.02
N GLY A 117 20.48 18.37 -22.98
CA GLY A 117 20.72 18.98 -21.69
C GLY A 117 21.55 18.20 -20.70
N LYS A 118 21.82 18.85 -19.57
CA LYS A 118 22.64 18.31 -18.50
C LYS A 118 21.79 17.85 -17.31
N ASP A 119 20.90 18.73 -16.87
CA ASP A 119 20.02 18.49 -15.72
C ASP A 119 18.68 19.20 -15.92
N GLU A 120 17.96 19.47 -14.82
CA GLU A 120 16.65 20.12 -14.93
C GLU A 120 16.71 21.61 -15.20
N ASN A 121 17.91 22.18 -15.13
CA ASN A 121 18.07 23.61 -15.39
C ASN A 121 18.16 23.83 -16.89
N ASP A 122 18.02 22.74 -17.62
CA ASP A 122 18.07 22.74 -19.08
C ASP A 122 16.77 22.25 -19.70
N ASN A 123 15.75 22.01 -18.87
CA ASN A 123 14.47 21.56 -19.43
C ASN A 123 13.97 22.76 -20.21
N VAL A 124 12.91 22.61 -20.98
CA VAL A 124 12.48 23.76 -21.76
C VAL A 124 11.01 24.09 -21.71
N PRO A 125 10.68 25.25 -21.13
CA PRO A 125 9.30 25.74 -21.00
C PRO A 125 8.76 25.96 -22.40
N ILE A 126 7.63 25.34 -22.72
CA ILE A 126 7.06 25.46 -24.04
C ILE A 126 5.61 25.92 -24.05
N ARG A 127 5.06 26.23 -22.89
CA ARG A 127 3.67 26.66 -22.83
C ARG A 127 3.31 27.06 -21.39
N PHE A 128 2.52 28.11 -21.25
CA PHE A 128 2.11 28.61 -19.94
C PHE A 128 0.60 28.81 -19.87
N TRP A 129 0.05 28.89 -18.65
CA TRP A 129 -1.39 29.10 -18.50
C TRP A 129 -1.73 29.67 -17.12
N GLY A 130 -2.77 30.50 -17.06
CA GLY A 130 -3.21 31.06 -15.79
C GLY A 130 -2.59 32.35 -15.32
N LYS A 131 -3.18 32.93 -14.27
CA LYS A 131 -2.71 34.19 -13.68
C LYS A 131 -2.00 33.93 -12.34
N ALA A 132 -0.67 33.96 -12.36
CA ALA A 132 0.10 33.69 -11.16
C ALA A 132 0.09 34.80 -10.12
N ARG A 133 -0.29 34.46 -8.90
CA ARG A 133 -0.28 35.44 -7.82
C ARG A 133 1.16 35.42 -7.34
N VAL A 134 1.87 36.54 -7.50
CA VAL A 134 3.28 36.59 -7.10
C VAL A 134 3.63 37.57 -5.99
N TRP A 135 4.35 37.08 -5.00
CA TRP A 135 4.77 37.92 -3.89
C TRP A 135 5.82 38.91 -4.38
N LYS A 136 5.72 40.15 -3.92
CA LYS A 136 6.67 41.19 -4.33
C LYS A 136 8.13 40.70 -4.35
N GLY A 137 8.52 40.00 -3.29
CA GLY A 137 9.88 39.50 -3.17
C GLY A 137 10.29 38.39 -4.12
N HIS A 138 9.38 37.93 -4.98
CA HIS A 138 9.67 36.87 -5.95
C HIS A 138 9.67 37.37 -7.39
N LEU A 139 9.17 38.58 -7.58
CA LEU A 139 9.05 39.21 -8.89
C LEU A 139 10.10 38.82 -9.94
N GLU A 140 11.37 39.03 -9.65
CA GLU A 140 12.41 38.69 -10.62
C GLU A 140 12.47 37.18 -10.88
N ARG A 141 12.58 36.39 -9.83
CA ARG A 141 12.67 34.96 -10.06
C ARG A 141 11.47 34.48 -10.86
N PHE A 142 10.30 34.99 -10.52
CA PHE A 142 9.12 34.57 -11.26
C PHE A 142 9.27 34.87 -12.74
N LEU A 143 9.64 36.10 -13.06
CA LEU A 143 9.79 36.53 -14.45
C LEU A 143 10.85 35.76 -15.23
N GLU A 144 11.91 35.31 -14.55
CA GLU A 144 12.97 34.53 -15.21
C GLU A 144 12.36 33.18 -15.66
N GLN A 145 11.61 32.57 -14.75
CA GLN A 145 10.99 31.29 -15.00
C GLN A 145 9.80 31.36 -15.96
N SER A 146 9.12 32.50 -15.97
CA SER A 146 7.97 32.64 -16.84
C SER A 146 8.37 33.14 -18.22
N GLN A 147 9.58 33.68 -18.32
CA GLN A 147 10.06 34.21 -19.59
C GLN A 147 9.14 35.37 -20.01
N GLY A 148 8.53 36.02 -19.01
CA GLY A 148 7.63 37.15 -19.24
C GLY A 148 6.37 36.76 -20.00
N LYS A 149 6.36 35.50 -20.41
CA LYS A 149 5.26 34.92 -21.18
C LYS A 149 4.03 34.53 -20.34
N MET A 150 4.07 34.77 -19.04
CA MET A 150 2.93 34.40 -18.21
C MET A 150 2.31 35.60 -17.54
N GLU A 151 0.99 35.63 -17.50
CA GLU A 151 0.28 36.73 -16.86
C GLU A 151 0.34 36.56 -15.35
N TYR A 152 0.43 37.66 -14.62
CA TYR A 152 0.48 37.58 -13.15
C TYR A 152 -0.15 38.75 -12.40
N GLU A 153 -0.16 38.65 -11.08
CA GLU A 153 -0.72 39.67 -10.20
C GLU A 153 0.19 39.71 -8.97
N ILE A 154 0.59 40.91 -8.57
CA ILE A 154 1.50 41.06 -7.44
C ILE A 154 0.78 41.00 -6.09
N LEU A 155 1.48 40.47 -5.09
CA LEU A 155 0.92 40.37 -3.76
C LEU A 155 1.82 41.06 -2.77
N GLU A 156 1.23 41.98 -2.02
CA GLU A 156 1.92 42.76 -1.00
C GLU A 156 2.36 41.81 0.12
N TRP A 157 1.37 41.09 0.69
CA TRP A 157 1.62 40.14 1.76
C TRP A 157 2.33 38.88 1.24
N LYS A 158 3.07 38.21 2.12
CA LYS A 158 3.80 37.03 1.70
C LYS A 158 2.94 35.76 1.83
N PRO A 159 2.81 35.00 0.72
CA PRO A 159 2.03 33.77 0.70
C PRO A 159 2.70 32.77 1.64
N LYS A 160 1.92 31.92 2.30
CA LYS A 160 2.50 30.93 3.21
C LYS A 160 2.80 29.63 2.47
N LEU A 161 3.70 28.82 3.02
CA LEU A 161 3.99 27.53 2.40
C LEU A 161 2.90 26.52 2.81
N HIS A 162 2.71 25.48 2.01
CA HIS A 162 1.68 24.48 2.30
C HIS A 162 1.83 23.81 3.68
N VAL A 163 3.07 23.56 4.10
CA VAL A 163 3.26 22.95 5.38
C VAL A 163 2.61 23.83 6.47
N ASP A 164 2.81 25.14 6.41
CA ASP A 164 2.20 26.02 7.42
C ASP A 164 0.70 26.04 7.24
N LEU A 165 0.24 26.29 6.02
CA LEU A 165 -1.20 26.30 5.78
C LEU A 165 -1.88 25.03 6.35
N LEU A 166 -1.30 23.86 6.12
CA LEU A 166 -1.88 22.62 6.66
C LEU A 166 -2.08 22.70 8.16
N GLU A 167 -1.10 23.26 8.86
CA GLU A 167 -1.15 23.38 10.31
C GLU A 167 -2.24 24.34 10.79
N ILE A 168 -2.34 25.51 10.17
CA ILE A 168 -3.34 26.47 10.60
C ILE A 168 -4.74 25.97 10.25
N LEU A 169 -4.81 25.11 9.24
CA LEU A 169 -6.08 24.54 8.78
C LEU A 169 -6.47 23.27 9.51
N GLY A 170 -5.58 22.77 10.37
CA GLY A 170 -5.86 21.54 11.08
C GLY A 170 -5.91 20.37 10.09
N GLY A 171 -5.18 20.50 8.97
CA GLY A 171 -5.18 19.47 7.95
C GLY A 171 -4.18 18.32 8.04
N ALA A 172 -3.27 18.35 9.00
CA ALA A 172 -2.29 17.28 9.08
C ALA A 172 -1.47 17.26 10.36
N ASP A 173 -0.94 16.08 10.69
CA ASP A 173 -0.09 15.90 11.87
C ASP A 173 1.19 15.22 11.35
N PHE A 174 2.32 15.94 11.43
CA PHE A 174 3.58 15.39 10.97
C PHE A 174 4.38 14.74 12.10
N ALA A 175 4.39 15.41 13.24
CA ALA A 175 5.11 14.91 14.39
C ALA A 175 4.81 13.44 14.64
N ARG A 176 3.55 13.17 14.95
CA ARG A 176 3.12 11.83 15.24
C ARG A 176 3.38 10.84 14.12
N ALA A 177 3.26 11.27 12.87
CA ALA A 177 3.51 10.35 11.77
C ALA A 177 4.95 9.87 11.90
N ALA A 178 5.83 10.83 12.14
CA ALA A 178 7.24 10.57 12.27
C ALA A 178 7.52 9.60 13.41
N LYS A 179 6.70 9.69 14.47
CA LYS A 179 6.82 8.82 15.64
C LYS A 179 6.45 7.38 15.30
N VAL A 180 5.42 7.26 14.47
CA VAL A 180 4.87 6.01 14.03
C VAL A 180 5.55 5.40 12.83
N SER A 181 5.99 6.24 11.89
CA SER A 181 6.59 5.72 10.67
C SER A 181 7.93 6.27 10.19
N GLY A 182 8.45 7.28 10.87
CA GLY A 182 9.70 7.86 10.41
C GLY A 182 9.45 9.16 9.67
N SER A 183 10.46 9.68 8.98
CA SER A 183 10.32 10.95 8.26
C SER A 183 9.71 10.77 6.88
N ARG A 184 9.18 11.85 6.33
CA ARG A 184 8.56 11.82 5.02
C ARG A 184 7.25 11.01 4.92
N PHE A 185 6.57 10.87 6.06
CA PHE A 185 5.28 10.20 6.14
C PHE A 185 4.33 11.20 6.79
N TYR A 186 3.03 10.98 6.71
CA TYR A 186 2.15 11.96 7.30
C TYR A 186 0.79 11.40 7.69
N TYR A 187 0.06 12.22 8.45
CA TYR A 187 -1.29 11.90 8.88
C TYR A 187 -2.10 13.05 8.28
N LEU A 188 -2.99 12.74 7.36
CA LEU A 188 -3.83 13.77 6.75
C LEU A 188 -5.08 13.80 7.60
N LEU A 189 -5.64 14.99 7.81
CA LEU A 189 -6.82 15.08 8.65
C LEU A 189 -7.93 15.93 8.04
N ASN A 190 -9.12 15.83 8.63
CA ASN A 190 -10.28 16.60 8.23
C ASN A 190 -10.45 16.94 6.75
N GLU A 191 -10.95 18.14 6.51
CA GLU A 191 -11.21 18.61 5.16
C GLU A 191 -10.22 18.10 4.14
N ILE A 192 -8.94 18.11 4.51
CA ILE A 192 -7.91 17.66 3.59
C ILE A 192 -8.08 16.21 3.13
N VAL A 193 -8.67 15.37 3.97
CA VAL A 193 -8.88 13.99 3.59
C VAL A 193 -9.96 13.95 2.52
N ILE A 194 -11.04 14.70 2.73
CA ILE A 194 -12.10 14.77 1.75
C ILE A 194 -11.53 15.34 0.46
N LEU A 195 -10.79 16.43 0.57
CA LEU A 195 -10.20 17.05 -0.60
C LEU A 195 -9.44 15.99 -1.41
N ASP A 196 -8.64 15.17 -0.73
CA ASP A 196 -7.88 14.12 -1.38
C ASP A 196 -8.82 13.20 -2.18
N LEU A 197 -9.77 12.56 -1.49
CA LEU A 197 -10.69 11.68 -2.21
C LEU A 197 -11.37 12.45 -3.32
N ALA A 198 -11.65 13.71 -3.02
CA ALA A 198 -12.31 14.63 -3.96
C ALA A 198 -11.56 14.68 -5.28
N LEU A 199 -10.25 14.92 -5.19
CA LEU A 199 -9.41 15.00 -6.39
C LEU A 199 -9.33 13.68 -7.14
N ILE A 200 -9.42 12.56 -6.44
CA ILE A 200 -9.37 11.25 -7.08
C ILE A 200 -10.60 11.07 -7.97
N ARG A 201 -11.78 11.25 -7.38
CA ARG A 201 -13.03 11.13 -8.12
C ARG A 201 -13.04 12.08 -9.33
N PHE A 202 -12.70 13.35 -9.10
CA PHE A 202 -12.64 14.33 -10.16
C PHE A 202 -11.81 13.78 -11.32
N ALA A 203 -10.56 13.46 -11.04
CA ALA A 203 -9.66 12.92 -12.06
C ALA A 203 -10.32 11.72 -12.71
N LEU A 204 -10.88 10.86 -11.88
CA LEU A 204 -11.53 9.67 -12.38
C LEU A 204 -12.64 10.00 -13.36
N ASP A 205 -13.62 10.80 -12.93
CA ASP A 205 -14.75 11.19 -13.78
C ASP A 205 -14.33 11.67 -15.18
N ARG A 206 -13.46 12.69 -15.20
CA ARG A 206 -12.99 13.24 -16.45
C ARG A 206 -12.41 12.21 -17.41
N LEU A 207 -11.38 11.48 -16.99
CA LEU A 207 -10.79 10.48 -17.87
C LEU A 207 -11.81 9.45 -18.35
N ILE A 208 -12.73 9.06 -17.45
CA ILE A 208 -13.76 8.10 -17.81
C ILE A 208 -14.59 8.72 -18.94
N GLU A 209 -15.10 9.94 -18.73
CA GLU A 209 -15.88 10.64 -19.73
C GLU A 209 -15.15 10.61 -21.08
N LYS A 210 -13.83 10.78 -21.08
CA LYS A 210 -13.08 10.77 -22.34
C LYS A 210 -12.85 9.35 -22.85
N GLY A 211 -13.55 8.39 -22.26
CA GLY A 211 -13.44 7.00 -22.69
C GLY A 211 -12.31 6.15 -22.15
N PHE A 212 -12.00 6.28 -20.88
CA PHE A 212 -10.95 5.47 -20.29
C PHE A 212 -11.62 4.51 -19.33
N THR A 213 -11.19 3.24 -19.34
CA THR A 213 -11.79 2.29 -18.40
C THR A 213 -11.07 2.38 -17.04
N PRO A 214 -11.83 2.73 -16.00
CA PRO A 214 -11.28 2.85 -14.66
C PRO A 214 -10.87 1.53 -14.00
N VAL A 215 -9.64 1.46 -13.50
CA VAL A 215 -9.15 0.25 -12.87
C VAL A 215 -8.40 0.46 -11.56
N ILE A 216 -8.63 -0.43 -10.61
CA ILE A 216 -7.93 -0.40 -9.34
C ILE A 216 -7.10 -1.66 -9.44
N PRO A 217 -5.77 -1.54 -9.48
CA PRO A 217 -4.93 -2.73 -9.60
C PRO A 217 -4.32 -3.21 -8.32
N PRO A 218 -3.54 -4.28 -8.39
CA PRO A 218 -2.89 -4.75 -7.16
C PRO A 218 -1.79 -3.76 -6.77
N TYR A 219 -1.66 -3.50 -5.47
CA TYR A 219 -0.66 -2.56 -4.98
C TYR A 219 0.71 -3.23 -4.85
N MET A 220 0.72 -4.55 -4.92
CA MET A 220 1.96 -5.34 -4.83
C MET A 220 2.11 -6.16 -6.10
N VAL A 221 3.31 -6.18 -6.68
CA VAL A 221 3.51 -6.97 -7.89
C VAL A 221 4.77 -7.80 -7.92
N ARG A 222 4.78 -8.77 -8.83
CA ARG A 222 5.91 -9.68 -9.01
C ARG A 222 7.09 -8.92 -9.66
N ARG A 223 8.31 -9.23 -9.25
CA ARG A 223 9.48 -8.54 -9.77
C ARG A 223 9.50 -8.26 -11.28
N PHE A 224 9.08 -9.22 -12.09
CA PHE A 224 9.14 -9.00 -13.53
C PHE A 224 8.37 -7.79 -14.05
N VAL A 225 7.25 -7.44 -13.43
CA VAL A 225 6.54 -6.27 -13.95
C VAL A 225 7.30 -4.98 -13.60
N GLU A 226 8.07 -5.00 -12.52
CA GLU A 226 8.85 -3.82 -12.18
C GLU A 226 10.05 -3.79 -13.13
N GLU A 227 10.64 -4.95 -13.41
CA GLU A 227 11.78 -5.01 -14.31
C GLU A 227 11.37 -4.62 -15.72
N GLY A 228 10.09 -4.80 -16.03
CA GLY A 228 9.61 -4.47 -17.35
C GLY A 228 9.03 -3.07 -17.49
N SER A 229 9.02 -2.30 -16.40
CA SER A 229 8.45 -0.95 -16.44
C SER A 229 9.46 0.17 -16.27
N THR A 230 10.58 -0.11 -15.63
CA THR A 230 11.63 0.88 -15.44
C THR A 230 13.01 0.26 -15.52
N SER A 231 14.04 1.03 -15.20
CA SER A 231 15.39 0.51 -15.26
C SER A 231 15.68 -0.21 -13.97
N PHE A 232 16.68 -1.08 -14.02
CA PHE A 232 17.05 -1.85 -12.85
C PHE A 232 17.57 -0.97 -11.71
N GLU A 233 17.84 0.29 -12.02
CA GLU A 233 18.34 1.23 -11.02
C GLU A 233 17.23 1.62 -10.04
N ASP A 234 15.98 1.60 -10.51
CA ASP A 234 14.87 1.96 -9.66
C ASP A 234 14.70 1.01 -8.46
N PHE A 235 15.16 -0.24 -8.61
CA PHE A 235 15.05 -1.22 -7.52
C PHE A 235 15.77 -0.84 -6.26
N GLU A 236 16.72 0.07 -6.37
CA GLU A 236 17.46 0.50 -5.20
C GLU A 236 16.99 1.90 -4.81
N ASP A 237 16.77 2.73 -5.83
CA ASP A 237 16.36 4.11 -5.63
C ASP A 237 14.92 4.34 -5.18
N VAL A 238 13.99 3.53 -5.68
CA VAL A 238 12.61 3.78 -5.35
C VAL A 238 11.67 2.68 -4.88
N ILE A 239 11.78 1.49 -5.45
CA ILE A 239 10.87 0.41 -5.10
C ILE A 239 11.16 -0.32 -3.79
N TYR A 240 10.11 -0.57 -3.01
CA TYR A 240 10.24 -1.33 -1.76
C TYR A 240 9.87 -2.76 -2.06
N LYS A 241 10.64 -3.70 -1.52
CA LYS A 241 10.34 -5.10 -1.72
C LYS A 241 9.90 -5.63 -0.36
N VAL A 242 8.96 -6.57 -0.36
CA VAL A 242 8.50 -7.13 0.90
C VAL A 242 9.36 -8.35 1.19
N GLU A 243 9.61 -8.63 2.46
CA GLU A 243 10.45 -9.77 2.81
C GLU A 243 9.92 -11.11 2.36
N ASP A 244 10.84 -12.01 2.00
CA ASP A 244 10.51 -13.36 1.59
C ASP A 244 9.40 -13.56 0.57
N GLU A 245 9.19 -12.59 -0.30
CA GLU A 245 8.15 -12.75 -1.32
C GLU A 245 8.58 -12.11 -2.62
N ASP A 246 8.08 -12.66 -3.72
CA ASP A 246 8.37 -12.06 -4.99
C ASP A 246 7.21 -11.05 -5.05
N LEU A 247 7.34 -9.99 -4.24
CA LEU A 247 6.35 -8.93 -4.16
C LEU A 247 6.98 -7.56 -3.93
N TYR A 248 6.62 -6.63 -4.81
CA TYR A 248 7.13 -5.28 -4.74
C TYR A 248 6.00 -4.26 -4.66
N LEU A 249 6.13 -3.29 -3.76
CA LEU A 249 5.12 -2.23 -3.60
C LEU A 249 5.21 -1.28 -4.78
N ILE A 250 4.12 -1.17 -5.55
CA ILE A 250 4.12 -0.32 -6.73
C ILE A 250 4.34 1.15 -6.43
N PRO A 251 5.15 1.82 -7.26
CA PRO A 251 5.42 3.24 -7.05
C PRO A 251 4.49 4.09 -7.92
N THR A 252 3.63 3.44 -8.67
CA THR A 252 2.72 4.13 -9.58
C THR A 252 1.81 3.09 -10.18
N ALA A 253 0.56 3.44 -10.44
CA ALA A 253 -0.37 2.48 -11.01
C ALA A 253 0.10 2.14 -12.42
N GLU A 254 1.00 2.97 -12.95
CA GLU A 254 1.55 2.76 -14.28
C GLU A 254 2.03 1.31 -14.44
N HIS A 255 2.95 0.91 -13.58
CA HIS A 255 3.53 -0.43 -13.64
C HIS A 255 2.54 -1.59 -13.71
N PRO A 256 1.68 -1.77 -12.71
CA PRO A 256 0.73 -2.89 -12.81
C PRO A 256 -0.16 -2.75 -14.04
N LEU A 257 -0.46 -1.52 -14.42
CA LEU A 257 -1.28 -1.26 -15.59
C LEU A 257 -0.54 -1.78 -16.84
N ALA A 258 0.78 -1.68 -16.84
CA ALA A 258 1.57 -2.17 -17.97
C ALA A 258 1.68 -3.71 -17.93
N GLY A 259 2.03 -4.26 -16.77
CA GLY A 259 2.15 -5.69 -16.66
C GLY A 259 0.81 -6.41 -16.87
N MET A 260 -0.25 -5.63 -17.00
CA MET A 260 -1.57 -6.22 -17.21
C MET A 260 -1.69 -7.10 -18.47
N HIS A 261 -0.99 -6.72 -19.54
CA HIS A 261 -1.05 -7.49 -20.78
C HIS A 261 0.32 -8.06 -21.14
N ALA A 262 1.07 -8.47 -20.12
CA ALA A 262 2.38 -9.04 -20.34
C ALA A 262 2.21 -10.38 -21.06
N ASN A 263 3.06 -10.63 -22.05
CA ASN A 263 3.03 -11.87 -22.83
C ASN A 263 1.76 -12.06 -23.64
N GLU A 264 1.17 -11.00 -24.17
CA GLU A 264 -0.03 -11.16 -24.97
C GLU A 264 0.16 -10.64 -26.38
N ILE A 265 -0.88 -10.85 -27.19
CA ILE A 265 -0.88 -10.37 -28.57
C ILE A 265 -2.26 -9.76 -28.76
N LEU A 266 -2.28 -8.44 -28.75
CA LEU A 266 -3.53 -7.72 -28.88
C LEU A 266 -4.11 -7.74 -30.28
N ASP A 267 -5.42 -7.51 -30.34
CA ASP A 267 -6.16 -7.44 -31.60
C ASP A 267 -6.16 -5.97 -31.97
N GLY A 268 -5.42 -5.62 -33.02
CA GLY A 268 -5.34 -4.24 -33.45
C GLY A 268 -6.62 -3.43 -33.50
N LYS A 269 -7.78 -4.09 -33.58
CA LYS A 269 -9.02 -3.33 -33.66
C LYS A 269 -9.43 -2.74 -32.32
N ASP A 270 -8.99 -3.35 -31.23
CA ASP A 270 -9.32 -2.84 -29.91
C ASP A 270 -8.48 -1.60 -29.57
N LEU A 271 -7.28 -1.54 -30.14
CA LEU A 271 -6.38 -0.42 -29.95
C LEU A 271 -7.03 0.89 -30.46
N PRO A 272 -6.79 1.99 -29.73
CA PRO A 272 -5.98 2.02 -28.52
C PRO A 272 -6.72 1.50 -27.28
N LEU A 273 -5.95 1.01 -26.31
CA LEU A 273 -6.53 0.56 -25.05
C LEU A 273 -6.32 1.75 -24.11
N LEU A 274 -7.39 2.20 -23.46
CA LEU A 274 -7.28 3.35 -22.59
C LEU A 274 -7.63 3.12 -21.11
N TYR A 275 -6.61 3.08 -20.27
CA TYR A 275 -6.83 2.85 -18.85
C TYR A 275 -6.52 4.07 -17.95
N VAL A 276 -7.34 4.25 -16.92
CA VAL A 276 -7.13 5.31 -15.94
C VAL A 276 -7.13 4.62 -14.55
N GLY A 277 -5.95 4.44 -13.97
CA GLY A 277 -5.86 3.77 -12.68
C GLY A 277 -5.76 4.62 -11.43
N VAL A 278 -6.10 4.01 -10.29
CA VAL A 278 -6.06 4.68 -9.00
C VAL A 278 -5.35 3.75 -8.06
N SER A 279 -4.42 4.27 -7.29
CA SER A 279 -3.73 3.44 -6.34
C SER A 279 -2.83 4.24 -5.45
N PRO A 280 -2.51 3.69 -4.28
CA PRO A 280 -1.61 4.43 -3.39
C PRO A 280 -0.27 4.22 -4.09
N CYS A 281 0.70 5.09 -3.84
CA CYS A 281 2.01 4.93 -4.48
C CYS A 281 3.05 4.91 -3.40
N PHE A 282 4.00 3.98 -3.48
CA PHE A 282 5.06 3.89 -2.49
C PHE A 282 6.41 4.10 -3.15
N ARG A 283 7.22 5.00 -2.59
CA ARG A 283 8.54 5.31 -3.12
C ARG A 283 9.54 5.50 -1.99
N LYS A 284 10.75 4.97 -2.18
CA LYS A 284 11.81 5.06 -1.17
C LYS A 284 12.38 6.46 -0.97
N GLU A 285 12.35 7.30 -2.00
CA GLU A 285 12.92 8.65 -1.89
C GLU A 285 14.28 8.58 -1.20
N ALA A 286 15.11 7.66 -1.68
CA ALA A 286 16.45 7.42 -1.13
C ALA A 286 17.47 8.47 -1.58
N GLY A 287 17.35 8.96 -2.80
CA GLY A 287 18.29 9.96 -3.30
C GLY A 287 18.16 11.35 -2.68
N THR A 288 16.98 11.65 -2.12
CA THR A 288 16.71 12.96 -1.50
C THR A 288 17.21 13.01 -0.05
N ALA A 289 18.24 13.82 0.19
CA ALA A 289 18.82 13.98 1.51
C ALA A 289 17.99 14.94 2.35
N GLY A 290 17.85 16.17 1.85
CA GLY A 290 17.09 17.17 2.56
C GLY A 290 16.68 18.29 1.62
N LYS A 291 15.92 17.95 0.58
CA LYS A 291 15.47 18.95 -0.38
C LYS A 291 14.02 19.39 -0.10
N ASP A 292 13.24 18.50 0.51
CA ASP A 292 11.84 18.83 0.85
C ASP A 292 11.41 18.10 2.12
N THR A 293 11.99 18.46 3.26
CA THR A 293 11.66 17.83 4.54
C THR A 293 10.40 18.44 5.18
N LYS A 294 9.65 17.59 5.89
CA LYS A 294 8.39 17.97 6.53
C LYS A 294 7.45 18.64 5.53
N GLY A 295 6.34 17.97 5.28
CA GLY A 295 5.38 18.47 4.32
C GLY A 295 4.85 17.24 3.62
N ILE A 296 4.08 17.44 2.56
CA ILE A 296 3.53 16.31 1.83
C ILE A 296 3.84 16.40 0.35
N PHE A 297 4.97 17.01 0.00
CA PHE A 297 5.33 17.12 -1.40
C PHE A 297 6.21 15.96 -1.84
N ARG A 298 7.33 15.76 -1.15
CA ARG A 298 8.22 14.67 -1.49
C ARG A 298 8.09 13.67 -0.35
N VAL A 299 7.13 12.76 -0.49
CA VAL A 299 6.87 11.77 0.54
C VAL A 299 7.00 10.30 0.10
N HIS A 300 6.92 9.39 1.06
CA HIS A 300 7.02 7.95 0.76
C HIS A 300 5.72 7.35 0.23
N GLN A 301 4.57 7.97 0.55
CA GLN A 301 3.28 7.47 0.08
C GLN A 301 2.34 8.59 -0.37
N PHE A 302 1.55 8.28 -1.39
CA PHE A 302 0.59 9.23 -1.91
C PHE A 302 -0.34 8.57 -2.88
N HIS A 303 -1.39 9.28 -3.24
CA HIS A 303 -2.39 8.76 -4.15
C HIS A 303 -2.24 9.42 -5.51
N LYS A 304 -2.45 8.65 -6.57
CA LYS A 304 -2.34 9.17 -7.92
C LYS A 304 -3.27 8.46 -8.92
N VAL A 305 -3.96 9.24 -9.74
CA VAL A 305 -4.84 8.69 -10.77
C VAL A 305 -3.96 8.73 -12.01
N GLU A 306 -3.75 7.60 -12.67
CA GLU A 306 -2.85 7.61 -13.82
C GLU A 306 -3.45 7.16 -15.16
N GLN A 307 -2.98 7.78 -16.22
CA GLN A 307 -3.40 7.47 -17.58
C GLN A 307 -2.40 6.50 -18.16
N PHE A 308 -2.88 5.41 -18.73
CA PHE A 308 -1.98 4.47 -19.37
C PHE A 308 -2.60 4.16 -20.72
N VAL A 309 -1.77 4.19 -21.76
CA VAL A 309 -2.23 3.95 -23.12
C VAL A 309 -1.40 2.94 -23.91
N TYR A 310 -2.12 2.01 -24.52
CA TYR A 310 -1.53 1.00 -25.38
C TYR A 310 -1.97 1.48 -26.77
N SER A 311 -0.99 1.73 -27.64
CA SER A 311 -1.27 2.19 -29.00
C SER A 311 -0.35 1.58 -30.03
N ARG A 312 -0.73 1.72 -31.30
CA ARG A 312 0.08 1.23 -32.40
C ARG A 312 1.15 2.30 -32.59
N PRO A 313 2.38 1.89 -32.93
CA PRO A 313 3.50 2.81 -33.12
C PRO A 313 3.23 4.07 -33.94
N GLU A 314 2.17 4.05 -34.74
CA GLU A 314 1.89 5.19 -35.58
C GLU A 314 1.00 6.23 -34.93
N GLU A 315 0.34 5.87 -33.84
CA GLU A 315 -0.53 6.83 -33.16
C GLU A 315 0.02 7.31 -31.80
N SER A 316 1.08 6.67 -31.34
CA SER A 316 1.66 7.01 -30.05
C SER A 316 1.92 8.50 -29.83
N TRP A 317 2.72 9.12 -30.68
CA TRP A 317 3.02 10.53 -30.50
C TRP A 317 1.76 11.39 -30.49
N GLU A 318 0.82 11.08 -31.37
CA GLU A 318 -0.39 11.88 -31.36
C GLU A 318 -1.03 11.70 -29.99
N TRP A 319 -0.92 10.50 -29.44
CA TRP A 319 -1.48 10.23 -28.11
C TRP A 319 -0.72 10.95 -27.01
N HIS A 320 0.62 10.93 -27.10
CA HIS A 320 1.44 11.60 -26.12
C HIS A 320 0.91 13.02 -25.95
N GLU A 321 0.57 13.67 -27.05
CA GLU A 321 0.06 15.03 -26.98
C GLU A 321 -1.31 15.05 -26.36
N LYS A 322 -2.11 14.02 -26.63
CA LYS A 322 -3.45 13.96 -26.08
C LYS A 322 -3.51 13.84 -24.55
N ILE A 323 -2.72 12.92 -23.98
CA ILE A 323 -2.74 12.74 -22.53
C ILE A 323 -2.24 13.93 -21.72
N ILE A 324 -1.10 14.53 -22.11
CA ILE A 324 -0.61 15.71 -21.39
C ILE A 324 -1.68 16.82 -21.39
N ARG A 325 -2.49 16.88 -22.44
CA ARG A 325 -3.54 17.88 -22.53
C ARG A 325 -4.65 17.49 -21.56
N ASN A 326 -4.93 16.20 -21.50
CA ASN A 326 -5.97 15.71 -20.59
C ASN A 326 -5.57 16.16 -19.20
N ALA A 327 -4.28 16.06 -18.92
CA ALA A 327 -3.74 16.46 -17.64
C ALA A 327 -3.87 17.98 -17.47
N GLU A 328 -3.53 18.73 -18.53
CA GLU A 328 -3.65 20.18 -18.48
C GLU A 328 -5.09 20.65 -18.16
N GLU A 329 -6.06 20.06 -18.84
CA GLU A 329 -7.45 20.42 -18.62
C GLU A 329 -7.87 20.39 -17.16
N LEU A 330 -7.33 19.43 -16.42
CA LEU A 330 -7.69 19.28 -15.01
C LEU A 330 -7.25 20.44 -14.14
N PHE A 331 -6.00 20.86 -14.31
CA PHE A 331 -5.49 21.95 -13.50
C PHE A 331 -6.10 23.29 -13.86
N GLN A 332 -6.46 23.43 -15.13
CA GLN A 332 -7.10 24.65 -15.57
C GLN A 332 -8.41 24.75 -14.82
N GLU A 333 -9.13 23.63 -14.74
CA GLU A 333 -10.38 23.61 -14.03
C GLU A 333 -10.16 23.85 -12.53
N LEU A 334 -8.97 23.50 -12.06
CA LEU A 334 -8.63 23.68 -10.65
C LEU A 334 -8.08 25.09 -10.44
N GLU A 335 -8.12 25.89 -11.50
CA GLU A 335 -7.62 27.26 -11.45
C GLU A 335 -6.19 27.27 -10.91
N ILE A 336 -5.35 26.36 -11.43
CA ILE A 336 -3.98 26.27 -11.00
C ILE A 336 -3.06 26.65 -12.13
N PRO A 337 -2.52 27.88 -12.10
CA PRO A 337 -1.62 28.35 -13.15
C PRO A 337 -0.40 27.41 -13.19
N TYR A 338 0.11 27.16 -14.40
CA TYR A 338 1.23 26.24 -14.57
C TYR A 338 1.99 26.54 -15.86
N ARG A 339 2.94 25.67 -16.20
CA ARG A 339 3.75 25.80 -17.41
C ARG A 339 4.15 24.38 -17.84
N VAL A 340 3.87 23.98 -19.09
CA VAL A 340 4.29 22.63 -19.50
C VAL A 340 5.75 22.75 -19.85
N VAL A 341 6.48 21.67 -19.72
CA VAL A 341 7.93 21.69 -19.96
C VAL A 341 8.40 20.48 -20.75
N ASN A 342 9.31 20.70 -21.69
CA ASN A 342 9.84 19.57 -22.42
C ASN A 342 11.16 19.25 -21.75
N ILE A 343 11.23 18.05 -21.19
CA ILE A 343 12.41 17.59 -20.49
C ILE A 343 13.56 17.25 -21.42
N CYS A 344 14.74 17.76 -21.10
CA CYS A 344 15.92 17.51 -21.92
C CYS A 344 16.49 16.10 -21.75
N THR A 345 17.42 15.73 -22.63
CA THR A 345 18.00 14.40 -22.65
C THR A 345 18.69 13.93 -21.38
N GLY A 346 19.42 14.83 -20.73
CA GLY A 346 20.13 14.48 -19.51
C GLY A 346 19.24 14.15 -18.33
N ASP A 347 18.11 14.83 -18.21
CA ASP A 347 17.17 14.63 -17.11
C ASP A 347 15.97 13.83 -17.55
N LEU A 348 16.05 13.22 -18.73
CA LEU A 348 14.94 12.48 -19.28
C LEU A 348 14.58 11.14 -18.66
N GLY A 349 15.57 10.33 -18.31
CA GLY A 349 15.27 9.04 -17.71
C GLY A 349 15.23 7.91 -18.73
N TYR A 350 15.62 6.71 -18.31
CA TYR A 350 15.68 5.54 -19.19
C TYR A 350 14.47 5.16 -20.01
N VAL A 351 13.31 5.10 -19.39
CA VAL A 351 12.12 4.67 -20.12
C VAL A 351 11.57 5.58 -21.22
N ALA A 352 11.42 6.86 -20.93
CA ALA A 352 10.82 7.78 -21.91
C ALA A 352 11.62 8.08 -23.16
N ALA A 353 10.88 8.24 -24.26
CA ALA A 353 11.49 8.59 -25.54
C ALA A 353 11.38 10.12 -25.64
N LYS A 354 10.44 10.68 -24.89
CA LYS A 354 10.16 12.11 -24.80
C LYS A 354 9.23 12.31 -23.59
N LYS A 355 9.46 13.37 -22.83
CA LYS A 355 8.67 13.62 -21.63
C LYS A 355 8.17 15.05 -21.53
N TYR A 356 6.95 15.21 -21.03
CA TYR A 356 6.30 16.51 -20.84
C TYR A 356 5.92 16.60 -19.36
N ASP A 357 6.34 17.65 -18.67
CA ASP A 357 5.99 17.79 -17.26
C ASP A 357 5.16 19.06 -17.06
N ILE A 358 4.21 19.03 -16.13
CA ILE A 358 3.44 20.23 -15.84
C ILE A 358 3.88 20.72 -14.47
N GLU A 359 4.62 21.81 -14.43
CA GLU A 359 5.08 22.38 -13.18
C GLU A 359 4.12 23.49 -12.80
N ALA A 360 3.55 23.42 -11.59
CA ALA A 360 2.60 24.45 -11.15
C ALA A 360 3.28 25.59 -10.41
N TRP A 361 2.75 26.78 -10.58
CA TRP A 361 3.29 27.93 -9.89
C TRP A 361 2.93 27.75 -8.43
N MET A 362 3.89 27.93 -7.54
CA MET A 362 3.65 27.78 -6.12
C MET A 362 3.88 29.11 -5.41
N PRO A 363 2.82 29.94 -5.32
CA PRO A 363 2.82 31.26 -4.69
C PRO A 363 3.60 31.37 -3.39
N GLY A 364 3.82 30.24 -2.74
CA GLY A 364 4.54 30.26 -1.48
C GLY A 364 6.03 30.06 -1.68
N GLN A 365 6.37 29.03 -2.43
CA GLN A 365 7.77 28.74 -2.68
C GLN A 365 8.36 29.75 -3.65
N GLY A 366 7.50 30.35 -4.48
CA GLY A 366 7.99 31.30 -5.45
C GLY A 366 8.76 30.58 -6.54
N LYS A 367 8.21 29.49 -7.04
CA LYS A 367 8.85 28.73 -8.10
C LYS A 367 7.86 27.72 -8.66
N PHE A 368 8.19 27.11 -9.78
CA PHE A 368 7.30 26.12 -10.36
C PHE A 368 7.79 24.74 -9.90
N ARG A 369 6.86 23.85 -9.55
CA ARG A 369 7.23 22.50 -9.11
C ARG A 369 6.40 21.46 -9.87
N GLU A 370 7.04 20.34 -10.22
CA GLU A 370 6.36 19.28 -10.96
C GLU A 370 5.07 18.89 -10.28
N VAL A 371 4.07 18.62 -11.10
CA VAL A 371 2.78 18.26 -10.59
C VAL A 371 2.29 17.05 -11.38
N VAL A 372 2.64 16.97 -12.67
CA VAL A 372 2.29 15.80 -13.48
C VAL A 372 3.40 15.54 -14.49
N SER A 373 3.47 14.31 -14.96
CA SER A 373 4.49 13.92 -15.90
C SER A 373 3.92 12.97 -16.95
N ALA A 374 4.06 13.33 -18.23
CA ALA A 374 3.56 12.54 -19.37
C ALA A 374 4.73 12.02 -20.22
N SER A 375 4.81 10.69 -20.37
CA SER A 375 5.89 10.06 -21.12
C SER A 375 5.43 9.14 -22.24
N ASN A 376 6.20 9.11 -23.31
CA ASN A 376 5.91 8.21 -24.40
C ASN A 376 7.05 7.20 -24.31
N CYS A 377 6.70 5.95 -24.10
CA CYS A 377 7.73 4.94 -23.96
C CYS A 377 7.96 4.16 -25.21
N THR A 378 7.26 4.54 -26.28
CA THR A 378 7.33 3.85 -27.56
C THR A 378 7.20 2.35 -27.30
N ASP A 379 8.22 1.57 -27.66
CA ASP A 379 8.14 0.13 -27.44
C ASP A 379 9.04 -0.42 -26.32
N TRP A 380 9.75 0.44 -25.61
CA TRP A 380 10.67 0.02 -24.55
C TRP A 380 10.10 -0.94 -23.53
N GLN A 381 8.87 -0.69 -23.09
CA GLN A 381 8.26 -1.56 -22.11
C GLN A 381 7.78 -2.80 -22.84
N ALA A 382 7.05 -2.57 -23.92
CA ALA A 382 6.53 -3.63 -24.75
C ALA A 382 7.59 -4.71 -24.96
N ARG A 383 8.68 -4.32 -25.61
CA ARG A 383 9.75 -5.26 -25.89
C ARG A 383 10.17 -6.07 -24.66
N ARG A 384 10.08 -5.47 -23.48
CA ARG A 384 10.45 -6.15 -22.23
C ARG A 384 9.38 -7.10 -21.75
N LEU A 385 8.15 -6.60 -21.72
CA LEU A 385 7.03 -7.39 -21.25
C LEU A 385 6.42 -8.27 -22.33
N ASN A 386 6.96 -8.18 -23.55
CA ASN A 386 6.48 -8.98 -24.67
C ASN A 386 5.00 -8.68 -24.99
N ILE A 387 4.70 -7.40 -25.17
CA ILE A 387 3.36 -6.94 -25.50
C ILE A 387 3.32 -6.61 -26.98
N ARG A 388 2.82 -7.54 -27.79
CA ARG A 388 2.74 -7.35 -29.24
C ARG A 388 1.29 -7.27 -29.70
N PHE A 389 1.09 -7.05 -31.00
CA PHE A 389 -0.27 -6.97 -31.55
C PHE A 389 -0.27 -7.31 -33.05
N ARG A 390 -1.44 -7.65 -33.58
CA ARG A 390 -1.58 -8.01 -35.00
C ARG A 390 -2.91 -7.50 -35.56
N ASP A 391 -2.92 -7.14 -36.84
CA ASP A 391 -4.12 -6.65 -37.51
C ASP A 391 -4.84 -7.82 -38.17
N ARG A 392 -4.06 -8.72 -38.75
CA ARG A 392 -4.62 -9.91 -39.39
C ARG A 392 -3.91 -11.15 -38.81
N THR A 393 -4.70 -12.14 -38.41
CA THR A 393 -4.17 -13.36 -37.82
C THR A 393 -3.13 -14.06 -38.67
N ASP A 394 -3.03 -13.65 -39.93
CA ASP A 394 -2.08 -14.23 -40.86
C ASP A 394 -0.61 -14.16 -40.41
N GLU A 395 -0.06 -12.97 -40.17
CA GLU A 395 1.32 -12.98 -39.75
C GLU A 395 1.90 -12.12 -38.64
N LYS A 396 3.23 -12.04 -38.69
CA LYS A 396 4.10 -11.32 -37.76
C LYS A 396 3.51 -10.33 -36.79
N PRO A 397 3.56 -10.67 -35.50
CA PRO A 397 3.02 -9.73 -34.52
C PRO A 397 4.09 -8.67 -34.22
N ARG A 398 3.68 -7.40 -34.20
CA ARG A 398 4.58 -6.27 -33.91
C ARG A 398 4.39 -5.78 -32.47
N TYR A 399 5.44 -5.16 -31.90
CA TYR A 399 5.34 -4.61 -30.54
C TYR A 399 4.51 -3.33 -30.57
N VAL A 400 3.73 -3.12 -29.52
CA VAL A 400 2.86 -1.97 -29.40
C VAL A 400 3.64 -0.84 -28.75
N HIS A 401 3.03 0.33 -28.63
CA HIS A 401 3.68 1.46 -27.97
C HIS A 401 2.90 1.80 -26.72
N THR A 402 3.60 2.04 -25.61
CA THR A 402 2.90 2.38 -24.39
C THR A 402 3.17 3.81 -23.95
N LEU A 403 2.14 4.45 -23.40
CA LEU A 403 2.28 5.81 -22.90
C LEU A 403 1.62 5.95 -21.53
N ASN A 404 2.24 6.72 -20.66
CA ASN A 404 1.68 6.93 -19.33
C ASN A 404 1.68 8.42 -18.99
N SER A 405 0.90 8.79 -17.99
CA SER A 405 0.87 10.17 -17.60
C SER A 405 -0.06 10.37 -16.44
N THR A 406 0.43 11.19 -15.52
CA THR A 406 -0.29 11.54 -14.34
C THR A 406 -1.59 12.17 -14.79
N ALA A 407 -2.61 12.09 -13.95
CA ALA A 407 -3.88 12.74 -14.23
C ALA A 407 -3.86 13.73 -13.07
N ILE A 408 -3.75 13.18 -11.87
CA ILE A 408 -3.68 13.94 -10.65
C ILE A 408 -3.07 13.08 -9.56
N ALA A 409 -1.92 13.51 -9.06
CA ALA A 409 -1.27 12.82 -7.98
C ALA A 409 -1.70 13.73 -6.84
N THR A 410 -2.67 13.27 -6.07
CA THR A 410 -3.26 14.05 -4.99
C THR A 410 -2.34 14.83 -4.08
N SER A 411 -1.28 14.22 -3.57
CA SER A 411 -0.39 14.94 -2.65
C SER A 411 0.07 16.28 -3.25
N ARG A 412 0.73 16.22 -4.39
CA ARG A 412 1.24 17.43 -5.02
C ARG A 412 0.15 18.39 -5.51
N ALA A 413 -1.06 17.91 -5.75
CA ALA A 413 -2.13 18.80 -6.21
C ALA A 413 -2.66 19.57 -5.02
N ILE A 414 -2.66 18.91 -3.87
CA ILE A 414 -3.13 19.56 -2.67
C ILE A 414 -2.18 20.69 -2.32
N VAL A 415 -0.90 20.50 -2.58
CA VAL A 415 0.02 21.59 -2.26
C VAL A 415 -0.41 22.72 -3.18
N ALA A 416 -0.44 22.43 -4.47
CA ALA A 416 -0.79 23.44 -5.47
C ALA A 416 -2.02 24.26 -5.06
N ILE A 417 -3.12 23.57 -4.76
CA ILE A 417 -4.36 24.23 -4.37
C ILE A 417 -4.16 25.07 -3.12
N LEU A 418 -3.48 24.51 -2.14
CA LEU A 418 -3.26 25.20 -0.89
C LEU A 418 -2.48 26.50 -1.05
N GLU A 419 -1.40 26.47 -1.82
CA GLU A 419 -0.60 27.66 -2.01
C GLU A 419 -1.23 28.63 -2.97
N ASN A 420 -1.89 28.11 -4.00
CA ASN A 420 -2.52 28.95 -5.01
C ASN A 420 -3.88 29.54 -4.70
N HIS A 421 -4.59 29.01 -3.72
CA HIS A 421 -5.91 29.53 -3.41
C HIS A 421 -6.04 30.05 -1.97
N GLN A 422 -4.91 30.33 -1.35
CA GLN A 422 -4.93 30.83 0.03
C GLN A 422 -5.24 32.32 0.08
N GLU A 423 -5.51 32.82 1.28
CA GLU A 423 -5.78 34.23 1.47
C GLU A 423 -4.99 34.72 2.68
N GLU A 424 -4.89 36.03 2.86
CA GLU A 424 -4.11 36.59 3.97
C GLU A 424 -4.27 35.86 5.30
N ASP A 425 -5.50 35.57 5.71
CA ASP A 425 -5.71 34.93 6.99
C ASP A 425 -5.48 33.42 7.02
N GLY A 426 -5.11 32.84 5.90
CA GLY A 426 -4.87 31.40 5.87
C GLY A 426 -5.98 30.57 5.23
N THR A 427 -7.14 31.16 5.07
CA THR A 427 -8.27 30.48 4.46
C THR A 427 -7.93 30.01 3.05
N VAL A 428 -8.42 28.83 2.68
CA VAL A 428 -8.18 28.29 1.35
C VAL A 428 -9.52 28.05 0.66
N ARG A 429 -9.72 28.66 -0.50
CA ARG A 429 -10.98 28.51 -1.22
C ARG A 429 -10.85 27.33 -2.16
N ILE A 430 -11.86 26.47 -2.17
CA ILE A 430 -11.83 25.32 -3.05
C ILE A 430 -12.37 25.73 -4.41
N PRO A 431 -11.72 25.27 -5.49
CA PRO A 431 -12.14 25.57 -6.86
C PRO A 431 -13.60 25.14 -7.03
N LYS A 432 -14.41 25.94 -7.71
CA LYS A 432 -15.82 25.57 -7.87
C LYS A 432 -15.99 24.15 -8.38
N VAL A 433 -15.15 23.74 -9.33
CA VAL A 433 -15.20 22.40 -9.92
C VAL A 433 -15.35 21.27 -8.90
N LEU A 434 -14.58 21.37 -7.81
CA LEU A 434 -14.58 20.37 -6.73
C LEU A 434 -15.69 20.47 -5.69
N TRP A 435 -16.53 21.48 -5.78
CA TRP A 435 -17.61 21.61 -4.82
C TRP A 435 -18.53 20.39 -4.74
N LYS A 436 -18.89 19.82 -5.89
CA LYS A 436 -19.78 18.66 -5.86
C LYS A 436 -19.15 17.46 -5.16
N TYR A 437 -17.82 17.46 -5.09
CA TYR A 437 -17.13 16.35 -4.44
C TYR A 437 -16.79 16.62 -2.98
N THR A 438 -16.43 17.85 -2.66
CA THR A 438 -16.03 18.20 -1.30
C THR A 438 -17.15 18.53 -0.34
N GLY A 439 -18.13 19.26 -0.84
CA GLY A 439 -19.23 19.70 0.00
C GLY A 439 -18.94 21.14 0.38
N PHE A 440 -17.95 21.34 1.23
CA PHE A 440 -17.55 22.67 1.69
C PHE A 440 -17.02 23.48 0.50
N LYS A 441 -16.98 24.81 0.63
CA LYS A 441 -16.48 25.66 -0.47
C LYS A 441 -15.14 26.32 -0.18
N GLU A 442 -14.69 26.21 1.07
CA GLU A 442 -13.44 26.78 1.51
C GLU A 442 -13.05 26.06 2.79
N ILE A 443 -11.81 26.25 3.22
CA ILE A 443 -11.36 25.64 4.45
C ILE A 443 -10.81 26.74 5.31
N VAL A 444 -11.53 27.09 6.37
CA VAL A 444 -11.07 28.15 7.25
C VAL A 444 -10.18 27.52 8.29
N PRO A 445 -9.31 28.33 8.88
CA PRO A 445 -8.40 27.80 9.88
C PRO A 445 -9.12 27.67 11.21
N VAL A 446 -8.60 26.78 12.05
CA VAL A 446 -9.15 26.58 13.38
C VAL A 446 -9.07 27.95 14.04
N GLU A 447 -9.85 28.15 15.11
CA GLU A 447 -9.90 29.45 15.78
C GLU A 447 -10.85 30.31 14.96
N LYS A 448 -12.07 29.77 14.84
CA LYS A 448 -13.21 30.33 14.12
C LYS A 448 -13.84 29.24 13.27
N MET B 1 -1.05 -6.23 26.56
CA MET B 1 -0.25 -6.60 27.77
C MET B 1 -1.03 -6.53 29.07
N LEU B 2 -0.89 -7.58 29.88
CA LEU B 2 -1.57 -7.66 31.16
C LEU B 2 -0.76 -6.93 32.26
N ASP B 3 -1.47 -6.29 33.19
CA ASP B 3 -0.83 -5.56 34.30
C ASP B 3 -0.28 -6.55 35.33
N ILE B 4 1.02 -6.51 35.59
CA ILE B 4 1.58 -7.44 36.54
C ILE B 4 0.90 -7.35 37.90
N LYS B 5 0.39 -6.17 38.25
CA LYS B 5 -0.31 -6.01 39.53
C LYS B 5 -1.55 -6.89 39.51
N LEU B 6 -2.08 -7.13 38.31
CA LEU B 6 -3.26 -7.96 38.15
C LEU B 6 -2.89 -9.39 38.47
N ILE B 7 -1.74 -9.82 37.95
CA ILE B 7 -1.24 -11.17 38.14
C ILE B 7 -0.81 -11.41 39.59
N ARG B 8 -0.40 -10.36 40.29
CA ARG B 8 -0.01 -10.48 41.69
C ARG B 8 -1.24 -10.56 42.56
N GLU B 9 -2.11 -9.57 42.44
CA GLU B 9 -3.32 -9.49 43.24
C GLU B 9 -4.41 -10.52 42.95
N ASN B 10 -4.57 -10.93 41.70
CA ASN B 10 -5.64 -11.87 41.36
C ASN B 10 -5.30 -12.99 40.42
N PRO B 11 -4.22 -13.72 40.71
CA PRO B 11 -3.79 -14.83 39.89
C PRO B 11 -4.93 -15.74 39.45
N GLU B 12 -5.78 -16.11 40.40
CA GLU B 12 -6.88 -17.00 40.06
C GLU B 12 -7.76 -16.42 38.96
N LEU B 13 -8.05 -15.12 39.06
CA LEU B 13 -8.89 -14.48 38.07
C LEU B 13 -8.35 -14.69 36.66
N VAL B 14 -7.05 -14.46 36.46
CA VAL B 14 -6.49 -14.65 35.13
C VAL B 14 -6.38 -16.12 34.72
N LYS B 15 -6.04 -17.01 35.64
CA LYS B 15 -5.96 -18.44 35.30
C LYS B 15 -7.33 -18.88 34.77
N ASN B 16 -8.37 -18.53 35.52
CA ASN B 16 -9.75 -18.87 35.17
C ASN B 16 -10.15 -18.26 33.82
N ASP B 17 -9.68 -17.04 33.54
CA ASP B 17 -10.04 -16.43 32.28
C ASP B 17 -9.32 -17.17 31.19
N LEU B 18 -8.06 -17.53 31.46
CA LEU B 18 -7.28 -18.28 30.50
C LEU B 18 -7.98 -19.59 30.17
N ILE B 19 -8.51 -20.25 31.20
CA ILE B 19 -9.20 -21.50 30.97
C ILE B 19 -10.41 -21.32 30.06
N LYS B 20 -11.26 -20.32 30.36
CA LYS B 20 -12.43 -20.08 29.50
C LYS B 20 -11.96 -19.91 28.06
N ARG B 21 -10.81 -19.28 27.89
CA ARG B 21 -10.22 -19.06 26.57
C ARG B 21 -9.65 -20.36 26.03
N GLY B 22 -9.58 -21.37 26.88
CA GLY B 22 -9.06 -22.65 26.46
C GLY B 22 -7.61 -22.58 26.06
N GLU B 23 -6.86 -21.82 26.83
CA GLU B 23 -5.44 -21.66 26.61
C GLU B 23 -4.82 -22.37 27.81
N LEU B 24 -5.16 -23.64 27.93
CA LEU B 24 -4.70 -24.47 29.02
C LEU B 24 -3.19 -24.44 29.19
N GLU B 25 -2.47 -24.23 28.11
CA GLU B 25 -1.02 -24.20 28.19
C GLU B 25 -0.51 -22.96 28.94
N LYS B 26 -1.01 -21.79 28.55
CA LYS B 26 -0.57 -20.55 29.19
C LYS B 26 -0.95 -20.41 30.66
N VAL B 27 -1.92 -21.19 31.12
CA VAL B 27 -2.33 -21.11 32.53
C VAL B 27 -1.09 -21.30 33.40
N LYS B 28 -0.17 -22.13 32.93
CA LYS B 28 1.06 -22.40 33.65
C LYS B 28 1.81 -21.09 33.93
N TRP B 29 1.82 -20.20 32.96
CA TRP B 29 2.53 -18.93 33.12
C TRP B 29 2.22 -18.13 34.37
N VAL B 30 0.96 -18.03 34.76
CA VAL B 30 0.63 -17.22 35.94
C VAL B 30 1.47 -17.57 37.16
N ASP B 31 1.72 -18.86 37.38
CA ASP B 31 2.52 -19.27 38.53
C ASP B 31 3.99 -18.92 38.31
N GLU B 32 4.44 -19.11 37.07
CA GLU B 32 5.82 -18.82 36.67
C GLU B 32 6.13 -17.34 36.87
N ILE B 33 5.26 -16.46 36.37
CA ILE B 33 5.45 -15.01 36.52
C ILE B 33 5.56 -14.66 37.99
N LEU B 34 4.54 -15.04 38.76
CA LEU B 34 4.52 -14.77 40.19
C LEU B 34 5.84 -15.16 40.82
N LYS B 35 6.30 -16.38 40.54
CA LYS B 35 7.56 -16.88 41.08
C LYS B 35 8.70 -15.90 40.73
N LEU B 36 8.94 -15.74 39.43
CA LEU B 36 9.97 -14.83 38.95
C LEU B 36 9.79 -13.40 39.42
N ASP B 37 8.55 -12.94 39.54
CA ASP B 37 8.30 -11.58 39.99
C ASP B 37 8.73 -11.44 41.46
N THR B 38 8.67 -12.55 42.18
CA THR B 38 9.03 -12.53 43.59
C THR B 38 10.54 -12.43 43.72
N GLU B 39 11.23 -13.29 42.95
CA GLU B 39 12.68 -13.34 42.93
C GLU B 39 13.15 -11.95 42.51
N TRP B 40 12.44 -11.38 41.54
CA TRP B 40 12.72 -10.05 41.04
C TRP B 40 12.61 -9.03 42.16
N ARG B 41 11.45 -8.97 42.81
CA ARG B 41 11.22 -8.01 43.89
C ARG B 41 12.19 -8.17 45.06
N THR B 42 12.49 -9.42 45.40
CA THR B 42 13.41 -9.70 46.48
C THR B 42 14.82 -9.21 46.17
N LYS B 43 15.37 -9.64 45.03
CA LYS B 43 16.71 -9.21 44.65
C LYS B 43 16.81 -7.68 44.56
N LEU B 44 15.68 -7.03 44.28
CA LEU B 44 15.60 -5.57 44.17
C LEU B 44 15.76 -4.99 45.56
N LYS B 45 15.26 -5.75 46.54
CA LYS B 45 15.30 -5.39 47.95
C LYS B 45 16.76 -5.44 48.40
N GLU B 46 17.38 -6.62 48.21
CA GLU B 46 18.77 -6.85 48.61
C GLU B 46 19.73 -5.83 48.02
N ILE B 47 19.46 -5.42 46.78
CA ILE B 47 20.30 -4.43 46.15
C ILE B 47 20.30 -3.16 47.01
N ASN B 48 19.13 -2.59 47.29
CA ASN B 48 19.08 -1.38 48.11
C ASN B 48 19.73 -1.65 49.45
N ARG B 49 19.51 -2.85 49.97
CA ARG B 49 20.08 -3.25 51.25
C ARG B 49 21.58 -2.99 51.20
N LEU B 50 22.22 -3.53 50.15
CA LEU B 50 23.66 -3.38 49.98
C LEU B 50 24.06 -1.94 49.71
N ARG B 51 23.38 -1.29 48.78
CA ARG B 51 23.67 0.09 48.45
C ARG B 51 23.76 0.89 49.76
N HIS B 52 22.85 0.62 50.68
CA HIS B 52 22.82 1.30 51.97
C HIS B 52 23.96 0.80 52.84
N GLU B 53 24.21 -0.51 52.82
CA GLU B 53 25.29 -1.11 53.61
C GLU B 53 26.66 -0.57 53.15
N ARG B 54 26.83 -0.41 51.84
CA ARG B 54 28.08 0.10 51.29
C ARG B 54 28.37 1.46 51.89
N ASN B 55 27.34 2.31 51.97
CA ASN B 55 27.48 3.64 52.53
C ASN B 55 27.93 3.57 53.97
N LYS B 56 27.28 2.73 54.77
CA LYS B 56 27.62 2.57 56.17
C LYS B 56 29.06 2.04 56.33
N ILE B 57 29.45 1.06 55.50
CA ILE B 57 30.78 0.50 55.56
C ILE B 57 31.82 1.51 55.05
N ALA B 58 31.35 2.52 54.33
CA ALA B 58 32.24 3.55 53.78
C ALA B 58 32.62 4.55 54.87
N VAL B 59 31.62 5.07 55.56
CA VAL B 59 31.88 6.04 56.63
C VAL B 59 32.68 5.39 57.75
N GLU B 60 32.39 4.12 58.03
CA GLU B 60 33.08 3.37 59.08
C GLU B 60 34.58 3.23 58.86
N ILE B 61 35.00 3.11 57.61
CA ILE B 61 36.42 3.00 57.32
C ILE B 61 37.06 4.38 57.48
N GLY B 62 36.23 5.42 57.30
CA GLY B 62 36.70 6.78 57.45
C GLY B 62 36.95 7.08 58.92
N LYS B 63 36.07 6.58 59.78
CA LYS B 63 36.20 6.77 61.22
C LYS B 63 37.46 6.08 61.74
N ARG B 64 37.80 4.94 61.15
CA ARG B 64 39.01 4.21 61.55
C ARG B 64 40.25 4.79 60.89
N ARG B 65 40.05 5.68 59.93
CA ARG B 65 41.18 6.33 59.25
C ARG B 65 41.92 7.15 60.31
N LYS B 66 41.19 7.51 61.37
CA LYS B 66 41.73 8.29 62.46
C LYS B 66 42.17 7.33 63.58
N LYS B 67 41.52 6.16 63.64
CA LYS B 67 41.80 5.13 64.64
C LYS B 67 42.97 4.25 64.19
N GLY B 68 43.02 3.01 64.67
CA GLY B 68 44.09 2.11 64.29
C GLY B 68 43.96 1.67 62.85
N GLU B 69 42.86 2.08 62.22
CA GLU B 69 42.55 1.74 60.84
C GLU B 69 42.83 0.29 60.44
N PRO B 70 42.32 -0.69 61.20
CA PRO B 70 42.57 -2.09 60.84
C PRO B 70 41.59 -2.47 59.72
N VAL B 71 41.32 -1.49 58.86
CA VAL B 71 40.38 -1.60 57.76
C VAL B 71 40.65 -2.60 56.65
N ASP B 72 41.61 -3.50 56.83
CA ASP B 72 41.90 -4.48 55.79
C ASP B 72 40.77 -5.49 55.67
N GLU B 73 40.16 -5.82 56.81
CA GLU B 73 39.06 -6.77 56.84
C GLU B 73 37.77 -6.07 56.42
N LEU B 74 37.62 -4.83 56.87
CA LEU B 74 36.44 -4.02 56.57
C LEU B 74 36.48 -3.56 55.11
N LEU B 75 37.67 -3.62 54.51
CA LEU B 75 37.83 -3.20 53.12
C LEU B 75 37.51 -4.34 52.18
N ALA B 76 37.80 -5.57 52.59
CA ALA B 76 37.52 -6.72 51.74
C ALA B 76 36.03 -6.93 51.55
N LYS B 77 35.23 -6.42 52.48
CA LYS B 77 33.77 -6.56 52.41
C LYS B 77 33.17 -5.56 51.43
N SER B 78 33.72 -4.37 51.39
CA SER B 78 33.23 -3.34 50.48
C SER B 78 33.38 -3.84 49.05
N ARG B 79 34.42 -4.63 48.80
CA ARG B 79 34.67 -5.18 47.48
C ARG B 79 33.72 -6.32 47.13
N GLU B 80 33.20 -7.00 48.15
CA GLU B 80 32.26 -8.10 47.87
C GLU B 80 30.88 -7.52 47.75
N ILE B 81 30.60 -6.49 48.53
CA ILE B 81 29.31 -5.80 48.49
C ILE B 81 29.06 -5.33 47.05
N VAL B 82 30.00 -4.56 46.50
CA VAL B 82 29.82 -4.07 45.14
C VAL B 82 29.80 -5.23 44.14
N LYS B 83 30.64 -6.24 44.35
CA LYS B 83 30.65 -7.38 43.46
C LYS B 83 29.25 -8.00 43.47
N ARG B 84 28.66 -8.05 44.66
CA ARG B 84 27.33 -8.62 44.82
C ARG B 84 26.25 -7.75 44.17
N ILE B 85 26.32 -6.45 44.43
CA ILE B 85 25.36 -5.51 43.86
C ILE B 85 25.34 -5.72 42.36
N GLY B 86 26.52 -5.79 41.75
CA GLY B 86 26.59 -5.98 40.32
C GLY B 86 25.99 -7.29 39.85
N GLU B 87 26.13 -8.34 40.65
CA GLU B 87 25.59 -9.64 40.26
C GLU B 87 24.08 -9.62 40.24
N LEU B 88 23.52 -9.01 41.28
CA LEU B 88 22.07 -8.86 41.43
C LEU B 88 21.53 -7.97 40.32
N GLU B 89 22.08 -6.78 40.18
CA GLU B 89 21.65 -5.88 39.14
C GLU B 89 21.49 -6.64 37.83
N ASN B 90 22.45 -7.48 37.49
CA ASN B 90 22.36 -8.22 36.25
C ASN B 90 21.31 -9.31 36.29
N GLU B 91 21.13 -9.93 37.45
CA GLU B 91 20.15 -10.99 37.60
C GLU B 91 18.74 -10.39 37.45
N VAL B 92 18.55 -9.20 37.99
CA VAL B 92 17.28 -8.51 37.90
C VAL B 92 16.92 -8.23 36.43
N GLU B 93 17.86 -7.64 35.70
CA GLU B 93 17.64 -7.34 34.28
C GLU B 93 17.15 -8.57 33.54
N GLU B 94 17.82 -9.70 33.74
CA GLU B 94 17.44 -10.94 33.08
C GLU B 94 16.08 -11.47 33.49
N LEU B 95 15.59 -11.07 34.65
CA LEU B 95 14.29 -11.54 35.12
C LEU B 95 13.16 -10.72 34.50
N LYS B 96 13.34 -9.40 34.45
CA LYS B 96 12.34 -8.50 33.87
C LYS B 96 12.06 -8.99 32.47
N LYS B 97 13.13 -9.39 31.79
CA LYS B 97 13.04 -9.88 30.43
C LYS B 97 12.12 -11.10 30.38
N LYS B 98 12.41 -12.10 31.21
CA LYS B 98 11.58 -13.31 31.23
C LYS B 98 10.13 -12.98 31.56
N ILE B 99 9.94 -12.04 32.50
CA ILE B 99 8.61 -11.63 32.92
C ILE B 99 7.84 -10.88 31.84
N ASP B 100 8.43 -9.83 31.28
CA ASP B 100 7.75 -9.07 30.23
C ASP B 100 7.45 -10.00 29.06
N TYR B 101 8.32 -10.98 28.83
CA TYR B 101 8.11 -11.93 27.75
C TYR B 101 6.74 -12.59 27.86
N TYR B 102 6.31 -12.88 29.09
CA TYR B 102 5.01 -13.51 29.30
C TYR B 102 3.93 -12.45 29.32
N LEU B 103 4.16 -11.37 30.06
CA LEU B 103 3.17 -10.29 30.13
C LEU B 103 2.78 -9.76 28.76
N TRP B 104 3.69 -9.86 27.80
CA TRP B 104 3.39 -9.40 26.45
C TRP B 104 2.66 -10.44 25.62
N ARG B 105 2.57 -11.67 26.15
CA ARG B 105 1.90 -12.71 25.41
C ARG B 105 0.59 -13.23 25.97
N LEU B 106 0.22 -12.78 27.17
CA LEU B 106 -1.07 -13.19 27.76
C LEU B 106 -2.18 -12.47 27.02
N PRO B 107 -3.32 -13.13 26.78
CA PRO B 107 -4.43 -12.50 26.09
C PRO B 107 -5.16 -11.58 27.06
N ASN B 108 -5.89 -10.60 26.54
CA ASN B 108 -6.62 -9.67 27.38
C ASN B 108 -7.68 -10.41 28.19
N ILE B 109 -8.01 -9.87 29.35
CA ILE B 109 -9.02 -10.48 30.20
C ILE B 109 -10.39 -10.17 29.60
N THR B 110 -11.15 -11.23 29.34
CA THR B 110 -12.48 -11.11 28.74
C THR B 110 -13.53 -10.62 29.72
N HIS B 111 -14.55 -9.98 29.19
CA HIS B 111 -15.67 -9.49 29.98
C HIS B 111 -16.60 -10.68 30.23
N PRO B 112 -17.26 -10.68 31.39
CA PRO B 112 -18.19 -11.75 31.77
C PRO B 112 -19.26 -12.12 30.75
N SER B 113 -19.74 -11.15 29.98
CA SER B 113 -20.80 -11.39 29.00
C SER B 113 -20.31 -12.13 27.75
N VAL B 114 -19.04 -12.49 27.74
CA VAL B 114 -18.48 -13.21 26.61
C VAL B 114 -18.88 -14.66 26.75
N PRO B 115 -19.66 -15.17 25.80
CA PRO B 115 -20.06 -16.57 25.92
C PRO B 115 -18.87 -17.53 25.79
N VAL B 116 -18.87 -18.56 26.62
CA VAL B 116 -17.82 -19.58 26.60
C VAL B 116 -18.00 -20.51 25.39
N GLY B 117 -16.93 -20.74 24.65
CA GLY B 117 -17.04 -21.58 23.48
C GLY B 117 -15.66 -22.07 23.10
N LYS B 118 -15.57 -22.80 22.01
CA LYS B 118 -14.29 -23.35 21.57
C LYS B 118 -13.86 -22.78 20.21
N ASP B 119 -14.79 -22.76 19.26
CA ASP B 119 -14.49 -22.26 17.94
C ASP B 119 -15.62 -21.37 17.48
N GLU B 120 -15.52 -20.90 16.25
CA GLU B 120 -16.55 -20.04 15.70
C GLU B 120 -17.96 -20.66 15.72
N ASN B 121 -18.08 -21.93 16.07
CA ASN B 121 -19.40 -22.56 16.09
C ASN B 121 -20.18 -22.30 17.37
N ASP B 122 -19.48 -21.87 18.40
CA ASP B 122 -20.13 -21.59 19.66
C ASP B 122 -20.43 -20.10 19.79
N ASN B 123 -20.26 -19.38 18.68
CA ASN B 123 -20.57 -17.95 18.68
C ASN B 123 -22.08 -17.79 18.68
N VAL B 124 -22.54 -16.71 19.30
CA VAL B 124 -23.97 -16.49 19.46
C VAL B 124 -24.69 -15.33 18.76
N PRO B 125 -25.74 -15.65 17.99
CA PRO B 125 -26.46 -14.58 17.32
C PRO B 125 -27.22 -13.84 18.40
N ILE B 126 -27.37 -12.52 18.24
CA ILE B 126 -28.09 -11.72 19.24
C ILE B 126 -29.08 -10.74 18.66
N ARG B 127 -29.08 -10.62 17.33
CA ARG B 127 -29.97 -9.71 16.62
C ARG B 127 -29.98 -10.03 15.14
N PHE B 128 -31.07 -9.69 14.47
CA PHE B 128 -31.11 -9.90 13.05
C PHE B 128 -31.74 -8.65 12.52
N TRP B 129 -31.65 -8.49 11.21
CA TRP B 129 -32.24 -7.34 10.60
C TRP B 129 -32.34 -7.66 9.13
N GLY B 130 -33.45 -7.25 8.53
CA GLY B 130 -33.61 -7.49 7.11
C GLY B 130 -34.41 -8.70 6.69
N LYS B 131 -34.73 -8.73 5.42
CA LYS B 131 -35.47 -9.81 4.81
C LYS B 131 -34.49 -10.42 3.81
N ALA B 132 -34.08 -11.64 4.11
CA ALA B 132 -33.12 -12.34 3.25
C ALA B 132 -33.77 -13.04 2.08
N ARG B 133 -33.05 -13.13 0.97
CA ARG B 133 -33.56 -13.86 -0.18
C ARG B 133 -32.79 -15.15 -0.08
N VAL B 134 -33.51 -16.26 0.04
CA VAL B 134 -32.90 -17.55 0.20
C VAL B 134 -33.21 -18.47 -0.99
N TRP B 135 -32.19 -19.17 -1.49
CA TRP B 135 -32.43 -20.09 -2.58
C TRP B 135 -33.18 -21.24 -1.93
N LYS B 136 -34.13 -21.83 -2.64
CA LYS B 136 -34.90 -22.94 -2.07
C LYS B 136 -33.94 -24.03 -1.61
N GLY B 137 -32.84 -24.17 -2.33
CA GLY B 137 -31.87 -25.18 -2.00
C GLY B 137 -31.05 -24.89 -0.76
N HIS B 138 -31.01 -23.63 -0.34
CA HIS B 138 -30.24 -23.25 0.85
C HIS B 138 -31.13 -23.10 2.06
N LEU B 139 -32.41 -23.46 1.92
CA LEU B 139 -33.37 -23.33 3.00
C LEU B 139 -32.95 -23.86 4.36
N GLU B 140 -32.37 -25.05 4.40
CA GLU B 140 -31.97 -25.61 5.68
C GLU B 140 -30.86 -24.83 6.37
N ARG B 141 -29.77 -24.63 5.66
CA ARG B 141 -28.64 -23.89 6.21
C ARG B 141 -29.12 -22.52 6.69
N PHE B 142 -29.95 -21.86 5.87
CA PHE B 142 -30.47 -20.53 6.22
C PHE B 142 -31.31 -20.51 7.49
N LEU B 143 -32.11 -21.53 7.72
CA LEU B 143 -32.92 -21.55 8.93
C LEU B 143 -31.99 -21.85 10.09
N GLU B 144 -30.99 -22.67 9.80
CA GLU B 144 -29.99 -23.04 10.79
C GLU B 144 -29.34 -21.78 11.36
N GLN B 145 -28.69 -21.01 10.48
CA GLN B 145 -27.99 -19.80 10.88
C GLN B 145 -28.88 -18.62 11.31
N SER B 146 -30.15 -18.62 10.90
CA SER B 146 -31.08 -17.55 11.26
C SER B 146 -31.92 -17.93 12.47
N GLN B 147 -31.93 -19.23 12.77
CA GLN B 147 -32.72 -19.74 13.90
C GLN B 147 -34.18 -19.34 13.67
N GLY B 148 -34.52 -19.06 12.42
CA GLY B 148 -35.87 -18.66 12.07
C GLY B 148 -36.33 -17.44 12.84
N LYS B 149 -35.39 -16.61 13.29
CA LYS B 149 -35.76 -15.40 14.01
C LYS B 149 -35.72 -14.23 13.04
N MET B 150 -35.49 -14.55 11.77
CA MET B 150 -35.34 -13.54 10.72
C MET B 150 -36.31 -13.74 9.55
N GLU B 151 -36.88 -12.63 9.09
CA GLU B 151 -37.82 -12.63 7.97
C GLU B 151 -37.12 -13.10 6.70
N TYR B 152 -37.87 -13.44 5.65
CA TYR B 152 -37.28 -13.89 4.38
C TYR B 152 -38.30 -14.38 3.35
N GLU B 153 -37.82 -14.66 2.14
CA GLU B 153 -38.63 -15.14 1.02
C GLU B 153 -37.78 -16.15 0.22
N ILE B 154 -38.40 -17.23 -0.28
CA ILE B 154 -37.65 -18.24 -1.03
C ILE B 154 -37.49 -17.88 -2.50
N LEU B 155 -36.35 -18.20 -3.08
CA LEU B 155 -36.10 -17.91 -4.50
C LEU B 155 -36.10 -19.21 -5.28
N GLU B 156 -36.89 -19.24 -6.35
CA GLU B 156 -36.98 -20.44 -7.17
C GLU B 156 -35.74 -20.58 -8.05
N TRP B 157 -35.15 -19.45 -8.43
CA TRP B 157 -33.93 -19.47 -9.23
C TRP B 157 -32.72 -19.43 -8.30
N LYS B 158 -31.55 -19.78 -8.83
CA LYS B 158 -30.36 -19.78 -7.99
C LYS B 158 -29.52 -18.51 -8.13
N PRO B 159 -29.33 -17.78 -7.01
CA PRO B 159 -28.56 -16.54 -7.00
C PRO B 159 -27.12 -16.94 -7.35
N LYS B 160 -26.46 -16.10 -8.15
CA LYS B 160 -25.09 -16.40 -8.55
C LYS B 160 -24.10 -15.98 -7.47
N LEU B 161 -22.85 -16.40 -7.61
CA LEU B 161 -21.81 -16.02 -6.66
C LEU B 161 -21.22 -14.69 -7.16
N HIS B 162 -20.60 -13.89 -6.29
CA HIS B 162 -20.06 -12.59 -6.73
C HIS B 162 -18.99 -12.69 -7.82
N VAL B 163 -18.16 -13.72 -7.74
CA VAL B 163 -17.13 -13.93 -8.73
C VAL B 163 -17.75 -13.99 -10.14
N ASP B 164 -18.85 -14.71 -10.27
CA ASP B 164 -19.53 -14.83 -11.56
C ASP B 164 -20.06 -13.46 -11.90
N LEU B 165 -20.88 -12.93 -10.98
CA LEU B 165 -21.46 -11.61 -11.18
C LEU B 165 -20.41 -10.60 -11.63
N LEU B 166 -19.28 -10.56 -10.93
CA LEU B 166 -18.20 -9.66 -11.30
C LEU B 166 -17.81 -9.85 -12.76
N GLU B 167 -17.79 -11.10 -13.23
CA GLU B 167 -17.40 -11.38 -14.60
C GLU B 167 -18.44 -11.00 -15.65
N ILE B 168 -19.71 -11.30 -15.39
CA ILE B 168 -20.77 -10.97 -16.36
C ILE B 168 -21.00 -9.48 -16.41
N LEU B 169 -20.51 -8.78 -15.39
CA LEU B 169 -20.63 -7.33 -15.28
C LEU B 169 -19.39 -6.56 -15.75
N GLY B 170 -18.31 -7.27 -16.00
CA GLY B 170 -17.08 -6.61 -16.44
C GLY B 170 -16.48 -5.70 -15.38
N GLY B 171 -16.52 -6.10 -14.12
CA GLY B 171 -15.98 -5.29 -13.04
C GLY B 171 -14.68 -5.77 -12.38
N ALA B 172 -14.08 -6.82 -12.92
CA ALA B 172 -12.85 -7.36 -12.37
C ALA B 172 -12.18 -8.33 -13.33
N ASP B 173 -10.85 -8.45 -13.24
CA ASP B 173 -10.06 -9.37 -14.07
C ASP B 173 -9.13 -10.05 -13.07
N PHE B 174 -9.34 -11.34 -12.84
CA PHE B 174 -8.53 -12.08 -11.89
C PHE B 174 -7.37 -12.81 -12.55
N ALA B 175 -7.60 -13.29 -13.76
CA ALA B 175 -6.57 -14.02 -14.47
C ALA B 175 -5.31 -13.18 -14.56
N ARG B 176 -5.45 -11.96 -15.06
CA ARG B 176 -4.31 -11.10 -15.22
C ARG B 176 -3.64 -10.68 -13.92
N ALA B 177 -4.40 -10.57 -12.84
CA ALA B 177 -3.82 -10.19 -11.57
C ALA B 177 -2.92 -11.34 -11.09
N ALA B 178 -3.39 -12.57 -11.29
CA ALA B 178 -2.61 -13.73 -10.88
C ALA B 178 -1.29 -13.75 -11.65
N LYS B 179 -1.34 -13.27 -12.89
CA LYS B 179 -0.14 -13.22 -13.70
C LYS B 179 0.85 -12.23 -13.12
N VAL B 180 0.31 -11.06 -12.80
CA VAL B 180 1.04 -9.93 -12.29
C VAL B 180 1.45 -9.95 -10.82
N SER B 181 0.62 -10.55 -9.97
CA SER B 181 0.94 -10.57 -8.55
C SER B 181 0.78 -11.92 -7.89
N GLY B 182 -0.10 -12.75 -8.41
CA GLY B 182 -0.32 -14.04 -7.79
C GLY B 182 -1.77 -14.18 -7.39
N SER B 183 -2.09 -15.28 -6.73
CA SER B 183 -3.47 -15.50 -6.32
C SER B 183 -3.85 -14.50 -5.23
N ARG B 184 -5.15 -14.42 -4.96
CA ARG B 184 -5.67 -13.53 -3.94
C ARG B 184 -5.36 -12.04 -4.17
N PHE B 185 -5.22 -11.67 -5.44
CA PHE B 185 -5.01 -10.29 -5.88
C PHE B 185 -6.04 -10.12 -6.99
N TYR B 186 -6.30 -8.90 -7.41
CA TYR B 186 -7.30 -8.71 -8.44
C TYR B 186 -7.19 -7.34 -9.05
N TYR B 187 -7.98 -7.13 -10.09
CA TYR B 187 -8.05 -5.85 -10.74
C TYR B 187 -9.51 -5.53 -10.69
N LEU B 188 -9.88 -4.34 -10.25
CA LEU B 188 -11.27 -3.93 -10.23
C LEU B 188 -11.47 -3.02 -11.45
N LEU B 189 -12.62 -3.13 -12.10
CA LEU B 189 -12.90 -2.33 -13.29
C LEU B 189 -14.27 -1.65 -13.31
N ASN B 190 -14.34 -0.65 -14.17
CA ASN B 190 -15.55 0.10 -14.42
C ASN B 190 -16.42 0.43 -13.20
N GLU B 191 -17.74 0.27 -13.34
CA GLU B 191 -18.67 0.59 -12.24
C GLU B 191 -18.24 0.04 -10.90
N ILE B 192 -17.46 -1.03 -10.90
CA ILE B 192 -17.02 -1.59 -9.64
C ILE B 192 -16.03 -0.65 -8.95
N VAL B 193 -15.15 -0.02 -9.74
CA VAL B 193 -14.17 0.90 -9.18
C VAL B 193 -14.90 2.08 -8.52
N ILE B 194 -15.85 2.68 -9.23
CA ILE B 194 -16.60 3.80 -8.67
C ILE B 194 -17.36 3.35 -7.42
N LEU B 195 -17.93 2.16 -7.45
CA LEU B 195 -18.68 1.64 -6.30
C LEU B 195 -17.74 1.51 -5.09
N ASP B 196 -16.52 1.06 -5.33
CA ASP B 196 -15.55 0.91 -4.27
C ASP B 196 -15.29 2.28 -3.61
N LEU B 197 -15.04 3.30 -4.43
CA LEU B 197 -14.77 4.62 -3.86
C LEU B 197 -16.02 5.24 -3.22
N ALA B 198 -17.18 4.92 -3.77
CA ALA B 198 -18.44 5.44 -3.25
C ALA B 198 -18.71 4.88 -1.86
N LEU B 199 -18.30 3.64 -1.61
CA LEU B 199 -18.51 3.06 -0.28
C LEU B 199 -17.63 3.75 0.75
N ILE B 200 -16.40 4.06 0.35
CA ILE B 200 -15.47 4.71 1.25
C ILE B 200 -16.03 6.05 1.64
N ARG B 201 -16.39 6.83 0.63
CA ARG B 201 -16.91 8.16 0.87
C ARG B 201 -18.19 8.13 1.70
N PHE B 202 -19.11 7.25 1.32
CA PHE B 202 -20.36 7.13 2.04
C PHE B 202 -20.17 6.84 3.54
N ALA B 203 -19.18 6.03 3.89
CA ALA B 203 -18.92 5.66 5.29
C ALA B 203 -18.24 6.80 6.03
N LEU B 204 -17.36 7.47 5.31
CA LEU B 204 -16.65 8.61 5.84
C LEU B 204 -17.64 9.73 6.13
N ASP B 205 -18.59 9.93 5.20
CA ASP B 205 -19.57 10.99 5.37
C ASP B 205 -20.42 10.77 6.60
N ARG B 206 -20.98 9.57 6.72
CA ARG B 206 -21.83 9.29 7.87
C ARG B 206 -21.08 9.27 9.19
N LEU B 207 -19.78 9.01 9.18
CA LEU B 207 -19.05 8.98 10.44
C LEU B 207 -18.64 10.38 10.88
N ILE B 208 -18.36 11.23 9.89
CA ILE B 208 -18.02 12.61 10.17
C ILE B 208 -19.30 13.29 10.74
N GLU B 209 -20.45 12.95 10.15
CA GLU B 209 -21.72 13.49 10.64
C GLU B 209 -21.84 13.19 12.13
N LYS B 210 -21.41 11.99 12.52
CA LYS B 210 -21.50 11.57 13.92
C LYS B 210 -20.39 12.05 14.83
N GLY B 211 -19.53 12.91 14.31
CA GLY B 211 -18.47 13.50 15.12
C GLY B 211 -17.08 12.90 15.10
N PHE B 212 -16.80 12.07 14.11
CA PHE B 212 -15.49 11.46 14.05
C PHE B 212 -14.58 12.32 13.20
N THR B 213 -13.31 12.39 13.60
CA THR B 213 -12.31 13.14 12.89
C THR B 213 -11.79 12.22 11.78
N PRO B 214 -11.95 12.63 10.52
CA PRO B 214 -11.48 11.76 9.43
C PRO B 214 -9.95 11.84 9.29
N VAL B 215 -9.32 10.70 9.05
CA VAL B 215 -7.85 10.65 8.89
C VAL B 215 -7.31 9.61 7.90
N ILE B 216 -6.31 10.02 7.14
CA ILE B 216 -5.62 9.14 6.20
C ILE B 216 -4.32 8.96 6.94
N PRO B 217 -3.97 7.72 7.31
CA PRO B 217 -2.73 7.52 8.04
C PRO B 217 -1.62 6.96 7.20
N PRO B 218 -0.46 6.73 7.82
CA PRO B 218 0.69 6.17 7.09
C PRO B 218 0.29 4.72 6.86
N TYR B 219 0.64 4.19 5.70
CA TYR B 219 0.27 2.81 5.39
C TYR B 219 1.35 1.85 5.83
N MET B 220 2.48 2.40 6.26
CA MET B 220 3.63 1.64 6.74
C MET B 220 4.00 2.18 8.11
N VAL B 221 4.23 1.29 9.06
CA VAL B 221 4.56 1.70 10.41
C VAL B 221 5.73 0.90 10.93
N ARG B 222 6.28 1.35 12.04
CA ARG B 222 7.40 0.68 12.70
C ARG B 222 6.92 -0.54 13.48
N ARG B 223 7.84 -1.46 13.77
CA ARG B 223 7.46 -2.65 14.51
C ARG B 223 6.74 -2.33 15.84
N PHE B 224 7.21 -1.34 16.58
CA PHE B 224 6.54 -1.08 17.84
C PHE B 224 5.04 -0.81 17.71
N VAL B 225 4.60 -0.11 16.67
CA VAL B 225 3.16 0.12 16.62
C VAL B 225 2.45 -1.18 16.30
N GLU B 226 3.12 -2.11 15.63
CA GLU B 226 2.46 -3.38 15.36
C GLU B 226 2.40 -4.22 16.64
N GLU B 227 3.54 -4.42 17.29
CA GLU B 227 3.59 -5.20 18.51
C GLU B 227 2.64 -4.61 19.56
N GLY B 228 2.29 -3.34 19.38
CA GLY B 228 1.41 -2.68 20.30
C GLY B 228 -0.06 -2.86 19.99
N SER B 229 -0.38 -3.16 18.74
CA SER B 229 -1.78 -3.31 18.39
C SER B 229 -2.29 -4.74 18.39
N THR B 230 -1.41 -5.72 18.13
CA THR B 230 -1.83 -7.12 18.13
C THR B 230 -0.87 -7.97 18.91
N SER B 231 -1.16 -9.26 18.90
CA SER B 231 -0.36 -10.27 19.55
C SER B 231 0.72 -10.54 18.54
N PHE B 232 1.88 -11.00 19.01
CA PHE B 232 3.01 -11.28 18.13
C PHE B 232 2.73 -12.35 17.05
N GLU B 233 1.72 -13.16 17.28
CA GLU B 233 1.32 -14.22 16.35
C GLU B 233 1.02 -13.63 14.94
N ASP B 234 0.42 -12.45 14.91
CA ASP B 234 0.06 -11.80 13.65
C ASP B 234 1.21 -11.46 12.71
N PHE B 235 2.45 -11.44 13.21
CA PHE B 235 3.61 -11.12 12.37
C PHE B 235 3.87 -12.22 11.34
N GLU B 236 3.70 -13.47 11.74
CA GLU B 236 3.92 -14.59 10.84
C GLU B 236 2.71 -14.77 9.96
N ASP B 237 1.53 -14.72 10.59
CA ASP B 237 0.28 -14.93 9.89
C ASP B 237 -0.30 -13.81 9.05
N VAL B 238 -0.36 -12.60 9.58
CA VAL B 238 -0.97 -11.52 8.79
C VAL B 238 -0.11 -10.39 8.24
N ILE B 239 0.84 -9.88 9.01
CA ILE B 239 1.65 -8.72 8.58
C ILE B 239 2.87 -8.88 7.64
N TYR B 240 2.90 -8.05 6.60
CA TYR B 240 4.01 -8.02 5.62
C TYR B 240 5.09 -7.06 6.13
N LYS B 241 6.35 -7.46 6.06
CA LYS B 241 7.43 -6.58 6.50
C LYS B 241 8.23 -6.20 5.27
N VAL B 242 8.72 -4.97 5.22
CA VAL B 242 9.48 -4.56 4.06
C VAL B 242 10.99 -4.77 4.23
N GLU B 243 11.59 -5.37 3.20
CA GLU B 243 13.00 -5.69 3.19
C GLU B 243 13.92 -4.57 3.66
N ASP B 244 14.88 -4.94 4.50
CA ASP B 244 15.88 -4.01 5.02
C ASP B 244 15.38 -2.75 5.70
N GLU B 245 14.10 -2.67 6.02
CA GLU B 245 13.54 -1.48 6.67
C GLU B 245 12.71 -1.82 7.88
N ASP B 246 12.69 -0.93 8.87
CA ASP B 246 11.85 -1.16 10.03
C ASP B 246 10.51 -0.52 9.65
N LEU B 247 9.81 -1.20 8.75
CA LEU B 247 8.50 -0.77 8.30
C LEU B 247 7.63 -2.01 8.02
N TYR B 248 6.35 -1.90 8.35
CA TYR B 248 5.44 -3.01 8.16
C TYR B 248 4.18 -2.50 7.50
N LEU B 249 3.67 -3.24 6.51
CA LEU B 249 2.46 -2.85 5.82
C LEU B 249 1.27 -3.05 6.76
N ILE B 250 0.45 -2.02 6.93
CA ILE B 250 -0.69 -2.08 7.83
C ILE B 250 -1.86 -2.93 7.34
N PRO B 251 -2.43 -3.74 8.24
CA PRO B 251 -3.56 -4.58 7.85
C PRO B 251 -4.88 -3.92 8.18
N THR B 252 -4.82 -2.67 8.64
CA THR B 252 -6.02 -1.96 9.05
C THR B 252 -5.68 -0.57 9.54
N ALA B 253 -6.47 0.41 9.18
CA ALA B 253 -6.23 1.77 9.63
C ALA B 253 -6.20 1.83 11.15
N GLU B 254 -6.50 0.72 11.79
CA GLU B 254 -6.53 0.65 13.25
C GLU B 254 -5.18 0.80 13.94
N HIS B 255 -4.16 0.15 13.40
CA HIS B 255 -2.85 0.18 14.00
C HIS B 255 -2.19 1.56 14.06
N PRO B 256 -2.10 2.25 12.92
CA PRO B 256 -1.48 3.58 12.98
C PRO B 256 -2.39 4.50 13.77
N LEU B 257 -3.67 4.18 13.75
CA LEU B 257 -4.64 4.98 14.48
C LEU B 257 -4.39 4.84 15.98
N ALA B 258 -3.80 3.72 16.37
CA ALA B 258 -3.49 3.47 17.77
C ALA B 258 -2.10 3.98 18.11
N GLY B 259 -1.18 3.88 17.15
CA GLY B 259 0.17 4.33 17.36
C GLY B 259 0.20 5.84 17.52
N MET B 260 -0.69 6.49 16.78
CA MET B 260 -0.83 7.94 16.79
C MET B 260 -0.60 8.63 18.15
N HIS B 261 -1.12 8.07 19.23
CA HIS B 261 -0.95 8.69 20.55
C HIS B 261 -0.07 7.87 21.47
N ALA B 262 0.82 7.10 20.89
CA ALA B 262 1.71 6.28 21.69
C ALA B 262 2.55 7.21 22.56
N ASN B 263 2.86 6.76 23.78
CA ASN B 263 3.67 7.53 24.72
C ASN B 263 3.15 8.93 24.91
N GLU B 264 1.89 9.05 25.32
CA GLU B 264 1.35 10.36 25.57
C GLU B 264 0.52 10.32 26.85
N ILE B 265 0.12 11.48 27.31
CA ILE B 265 -0.74 11.60 28.46
C ILE B 265 -1.84 12.57 28.00
N LEU B 266 -2.93 12.01 27.53
CA LEU B 266 -4.05 12.79 27.04
C LEU B 266 -4.73 13.58 28.15
N ASP B 267 -5.38 14.67 27.78
CA ASP B 267 -6.08 15.46 28.77
C ASP B 267 -7.53 14.95 28.85
N GLY B 268 -7.85 14.31 29.97
CA GLY B 268 -9.18 13.76 30.16
C GLY B 268 -10.30 14.58 29.54
N LYS B 269 -10.17 15.90 29.65
CA LYS B 269 -11.15 16.84 29.13
C LYS B 269 -11.54 16.51 27.70
N ASP B 270 -10.54 16.10 26.91
CA ASP B 270 -10.73 15.77 25.51
C ASP B 270 -11.31 14.38 25.21
N LEU B 271 -11.18 13.47 26.16
CA LEU B 271 -11.72 12.13 25.98
C LEU B 271 -13.24 12.26 25.82
N PRO B 272 -13.84 11.52 24.88
CA PRO B 272 -13.24 10.56 23.96
C PRO B 272 -12.69 11.10 22.65
N LEU B 273 -11.65 10.45 22.14
CA LEU B 273 -11.09 10.85 20.84
C LEU B 273 -11.75 9.91 19.84
N LEU B 274 -12.45 10.49 18.87
CA LEU B 274 -13.14 9.74 17.83
C LEU B 274 -12.50 9.86 16.45
N TYR B 275 -11.75 8.86 16.02
CA TYR B 275 -11.13 8.88 14.70
C TYR B 275 -11.80 7.89 13.73
N VAL B 276 -11.88 8.25 12.45
CA VAL B 276 -12.39 7.35 11.42
C VAL B 276 -11.36 7.34 10.28
N GLY B 277 -10.52 6.32 10.22
CA GLY B 277 -9.52 6.26 9.18
C GLY B 277 -9.91 5.56 7.88
N VAL B 278 -9.14 5.81 6.83
CA VAL B 278 -9.36 5.17 5.53
C VAL B 278 -7.99 4.73 5.11
N SER B 279 -7.88 3.55 4.50
CA SER B 279 -6.58 3.11 4.06
C SER B 279 -6.64 1.77 3.37
N PRO B 280 -5.58 1.45 2.63
CA PRO B 280 -5.56 0.15 1.96
C PRO B 280 -5.17 -0.76 3.12
N CYS B 281 -5.42 -2.04 2.98
CA CYS B 281 -5.08 -2.99 4.03
C CYS B 281 -4.38 -4.14 3.41
N PHE B 282 -3.33 -4.62 4.05
CA PHE B 282 -2.60 -5.74 3.49
C PHE B 282 -2.53 -6.86 4.48
N ARG B 283 -2.87 -8.05 4.00
CA ARG B 283 -2.88 -9.23 4.83
C ARG B 283 -2.28 -10.44 4.12
N LYS B 284 -1.38 -11.12 4.81
CA LYS B 284 -0.72 -12.29 4.25
C LYS B 284 -1.67 -13.44 3.96
N GLU B 285 -2.76 -13.55 4.72
CA GLU B 285 -3.72 -14.66 4.54
C GLU B 285 -2.95 -15.98 4.37
N ALA B 286 -2.03 -16.22 5.30
CA ALA B 286 -1.18 -17.41 5.30
C ALA B 286 -1.89 -18.67 5.84
N GLY B 287 -2.81 -18.48 6.79
CA GLY B 287 -3.52 -19.61 7.37
C GLY B 287 -4.59 -20.25 6.49
N THR B 288 -5.06 -19.51 5.49
CA THR B 288 -6.09 -19.99 4.57
C THR B 288 -5.49 -20.76 3.38
N ALA B 289 -5.76 -22.06 3.34
CA ALA B 289 -5.25 -22.94 2.28
C ALA B 289 -6.09 -22.81 1.02
N GLY B 290 -7.38 -23.05 1.17
CA GLY B 290 -8.29 -22.96 0.03
C GLY B 290 -9.71 -22.88 0.54
N LYS B 291 -10.00 -21.85 1.32
CA LYS B 291 -11.34 -21.67 1.86
C LYS B 291 -12.15 -20.70 1.01
N ASP B 292 -11.47 -19.74 0.38
CA ASP B 292 -12.13 -18.76 -0.45
C ASP B 292 -11.23 -18.32 -1.62
N THR B 293 -10.95 -19.26 -2.52
CA THR B 293 -10.09 -18.98 -3.67
C THR B 293 -10.87 -18.29 -4.81
N LYS B 294 -10.16 -17.44 -5.55
CA LYS B 294 -10.76 -16.67 -6.65
C LYS B 294 -11.97 -15.85 -6.18
N GLY B 295 -11.84 -14.54 -6.27
CA GLY B 295 -12.90 -13.63 -5.84
C GLY B 295 -12.23 -12.49 -5.08
N ILE B 296 -13.02 -11.66 -4.42
CA ILE B 296 -12.45 -10.56 -3.66
C ILE B 296 -12.92 -10.58 -2.22
N PHE B 297 -13.15 -11.76 -1.67
CA PHE B 297 -13.61 -11.82 -0.29
C PHE B 297 -12.43 -11.98 0.66
N ARG B 298 -11.62 -12.99 0.40
CA ARG B 298 -10.43 -13.21 1.21
C ARG B 298 -9.29 -12.84 0.27
N VAL B 299 -8.64 -11.72 0.54
CA VAL B 299 -7.61 -11.23 -0.33
C VAL B 299 -6.45 -10.58 0.41
N HIS B 300 -5.39 -10.30 -0.32
CA HIS B 300 -4.19 -9.69 0.23
C HIS B 300 -4.32 -8.19 0.42
N GLN B 301 -5.18 -7.56 -0.36
CA GLN B 301 -5.37 -6.12 -0.23
C GLN B 301 -6.81 -5.73 -0.40
N PHE B 302 -7.22 -4.72 0.34
CA PHE B 302 -8.57 -4.23 0.25
C PHE B 302 -8.60 -2.89 0.94
N HIS B 303 -9.69 -2.17 0.72
CA HIS B 303 -9.84 -0.86 1.31
C HIS B 303 -10.81 -1.01 2.47
N LYS B 304 -10.62 -0.19 3.50
CA LYS B 304 -11.50 -0.25 4.65
C LYS B 304 -11.53 1.04 5.45
N VAL B 305 -12.74 1.47 5.83
CA VAL B 305 -12.92 2.67 6.64
C VAL B 305 -13.11 2.19 8.09
N GLU B 306 -12.21 2.58 8.99
CA GLU B 306 -12.30 2.10 10.35
C GLU B 306 -12.61 3.14 11.41
N GLN B 307 -13.26 2.68 12.47
CA GLN B 307 -13.63 3.52 13.61
C GLN B 307 -12.66 3.22 14.74
N PHE B 308 -12.04 4.24 15.32
CA PHE B 308 -11.15 4.01 16.45
C PHE B 308 -11.60 4.95 17.55
N VAL B 309 -11.54 4.50 18.79
CA VAL B 309 -11.98 5.33 19.91
C VAL B 309 -11.10 5.29 21.12
N TYR B 310 -10.62 6.46 21.51
CA TYR B 310 -9.81 6.59 22.71
C TYR B 310 -10.87 6.98 23.72
N SER B 311 -11.05 6.18 24.76
CA SER B 311 -12.09 6.43 25.75
C SER B 311 -11.70 6.31 27.20
N ARG B 312 -12.48 6.97 28.06
CA ARG B 312 -12.25 6.92 29.49
C ARG B 312 -12.65 5.48 29.86
N PRO B 313 -11.91 4.86 30.78
CA PRO B 313 -12.24 3.49 31.17
C PRO B 313 -13.70 3.23 31.46
N GLU B 314 -14.36 4.19 32.10
CA GLU B 314 -15.75 4.02 32.49
C GLU B 314 -16.81 4.28 31.42
N GLU B 315 -16.38 4.58 30.20
CA GLU B 315 -17.34 4.82 29.12
C GLU B 315 -17.03 3.89 27.95
N SER B 316 -15.98 3.09 28.08
CA SER B 316 -15.63 2.22 26.97
C SER B 316 -16.74 1.29 26.56
N TRP B 317 -17.46 0.72 27.52
CA TRP B 317 -18.51 -0.21 27.13
C TRP B 317 -19.67 0.49 26.44
N GLU B 318 -19.95 1.73 26.83
CA GLU B 318 -21.02 2.46 26.19
C GLU B 318 -20.62 2.70 24.74
N TRP B 319 -19.31 2.85 24.51
CA TRP B 319 -18.80 3.09 23.18
C TRP B 319 -18.72 1.84 22.33
N HIS B 320 -18.42 0.71 22.97
CA HIS B 320 -18.32 -0.54 22.24
C HIS B 320 -19.66 -0.79 21.59
N GLU B 321 -20.74 -0.43 22.29
CA GLU B 321 -22.08 -0.60 21.76
C GLU B 321 -22.44 0.47 20.72
N LYS B 322 -21.88 1.68 20.88
CA LYS B 322 -22.19 2.73 19.93
C LYS B 322 -21.61 2.48 18.55
N ILE B 323 -20.38 2.01 18.46
CA ILE B 323 -19.76 1.79 17.16
C ILE B 323 -20.29 0.61 16.36
N ILE B 324 -20.55 -0.52 17.03
CA ILE B 324 -21.10 -1.67 16.34
C ILE B 324 -22.41 -1.22 15.69
N ARG B 325 -23.16 -0.42 16.42
CA ARG B 325 -24.41 0.07 15.89
C ARG B 325 -24.18 1.05 14.75
N ASN B 326 -23.13 1.85 14.83
CA ASN B 326 -22.84 2.79 13.77
C ASN B 326 -22.72 2.00 12.49
N ALA B 327 -21.95 0.92 12.56
CA ALA B 327 -21.74 0.06 11.41
C ALA B 327 -23.08 -0.51 10.91
N GLU B 328 -23.90 -1.01 11.83
CA GLU B 328 -25.21 -1.56 11.45
C GLU B 328 -25.94 -0.56 10.60
N GLU B 329 -26.13 0.62 11.18
CA GLU B 329 -26.81 1.71 10.52
C GLU B 329 -26.39 1.76 9.04
N LEU B 330 -25.09 1.67 8.79
CA LEU B 330 -24.59 1.69 7.43
C LEU B 330 -25.16 0.58 6.56
N PHE B 331 -25.03 -0.66 7.03
CA PHE B 331 -25.53 -1.77 6.23
C PHE B 331 -27.02 -1.75 6.03
N GLN B 332 -27.74 -1.20 7.00
CA GLN B 332 -29.18 -1.07 6.89
C GLN B 332 -29.48 -0.11 5.76
N GLU B 333 -28.91 1.09 5.81
CA GLU B 333 -29.18 2.03 4.74
C GLU B 333 -28.73 1.34 3.44
N LEU B 334 -27.76 0.45 3.57
CA LEU B 334 -27.23 -0.23 2.41
C LEU B 334 -28.15 -1.36 1.95
N GLU B 335 -29.22 -1.57 2.71
CA GLU B 335 -30.23 -2.60 2.39
C GLU B 335 -29.65 -4.01 2.29
N ILE B 336 -28.78 -4.34 3.23
CA ILE B 336 -28.13 -5.64 3.29
C ILE B 336 -28.62 -6.38 4.52
N PRO B 337 -29.28 -7.51 4.32
CA PRO B 337 -29.72 -8.20 5.53
C PRO B 337 -28.49 -8.78 6.26
N TYR B 338 -28.62 -9.00 7.56
CA TYR B 338 -27.49 -9.51 8.31
C TYR B 338 -27.91 -9.99 9.67
N ARG B 339 -26.92 -10.39 10.44
CA ARG B 339 -27.14 -10.85 11.80
C ARG B 339 -25.88 -10.41 12.51
N VAL B 340 -25.97 -10.07 13.79
CA VAL B 340 -24.79 -9.64 14.49
C VAL B 340 -24.56 -10.71 15.53
N VAL B 341 -23.32 -11.18 15.61
CA VAL B 341 -23.02 -12.23 16.55
C VAL B 341 -22.04 -11.76 17.63
N ASN B 342 -22.15 -12.38 18.80
CA ASN B 342 -21.27 -12.08 19.93
C ASN B 342 -20.26 -13.23 19.93
N ILE B 343 -18.99 -12.89 19.76
CA ILE B 343 -17.90 -13.85 19.72
C ILE B 343 -17.58 -14.46 21.08
N CYS B 344 -17.31 -15.75 21.08
CA CYS B 344 -17.02 -16.51 22.30
C CYS B 344 -15.53 -16.65 22.53
N THR B 345 -15.17 -16.99 23.75
CA THR B 345 -13.77 -17.15 24.14
C THR B 345 -12.87 -17.79 23.09
N GLY B 346 -13.28 -18.93 22.57
CA GLY B 346 -12.46 -19.62 21.58
C GLY B 346 -12.04 -18.86 20.35
N ASP B 347 -13.00 -18.23 19.67
CA ASP B 347 -12.75 -17.48 18.45
C ASP B 347 -12.58 -15.98 18.75
N LEU B 348 -12.29 -15.64 20.00
CA LEU B 348 -12.18 -14.24 20.38
C LEU B 348 -10.99 -13.48 19.83
N GLY B 349 -9.79 -13.89 20.21
CA GLY B 349 -8.63 -13.17 19.74
C GLY B 349 -7.92 -12.69 20.98
N TYR B 350 -6.69 -12.26 20.81
CA TYR B 350 -5.89 -11.81 21.93
C TYR B 350 -6.06 -10.40 22.44
N VAL B 351 -6.48 -9.46 21.61
CA VAL B 351 -6.57 -8.10 22.13
C VAL B 351 -7.93 -7.70 22.67
N ALA B 352 -8.99 -8.34 22.22
CA ALA B 352 -10.32 -7.95 22.68
C ALA B 352 -10.82 -8.56 23.99
N ALA B 353 -11.62 -7.78 24.72
CA ALA B 353 -12.24 -8.24 25.97
C ALA B 353 -13.67 -8.69 25.64
N LYS B 354 -14.18 -8.21 24.50
CA LYS B 354 -15.51 -8.55 23.98
C LYS B 354 -15.52 -8.16 22.50
N LYS B 355 -16.34 -8.81 21.68
CA LYS B 355 -16.34 -8.50 20.25
C LYS B 355 -17.60 -8.90 19.48
N TYR B 356 -18.17 -7.95 18.75
CA TYR B 356 -19.37 -8.20 17.96
C TYR B 356 -18.99 -8.18 16.47
N ASP B 357 -19.57 -9.09 15.69
CA ASP B 357 -19.31 -9.11 14.26
C ASP B 357 -20.66 -8.97 13.58
N ILE B 358 -20.67 -8.33 12.41
CA ILE B 358 -21.89 -8.23 11.67
C ILE B 358 -21.68 -9.17 10.49
N GLU B 359 -22.51 -10.19 10.36
CA GLU B 359 -22.39 -11.12 9.26
C GLU B 359 -23.53 -10.90 8.28
N ALA B 360 -23.16 -10.47 7.08
CA ALA B 360 -24.11 -10.23 6.02
C ALA B 360 -24.60 -11.53 5.40
N TRP B 361 -25.90 -11.60 5.13
CA TRP B 361 -26.46 -12.77 4.49
C TRP B 361 -25.96 -12.73 3.04
N MET B 362 -25.39 -13.83 2.57
CA MET B 362 -24.88 -13.91 1.20
C MET B 362 -25.76 -14.87 0.38
N PRO B 363 -26.77 -14.33 -0.31
CA PRO B 363 -27.73 -15.08 -1.14
C PRO B 363 -27.19 -16.24 -1.98
N GLY B 364 -26.08 -16.03 -2.67
CA GLY B 364 -25.50 -17.07 -3.50
C GLY B 364 -24.75 -18.12 -2.71
N GLN B 365 -23.82 -17.67 -1.87
CA GLN B 365 -23.01 -18.57 -1.04
C GLN B 365 -23.96 -19.36 -0.16
N GLY B 366 -25.13 -18.80 0.07
CA GLY B 366 -26.12 -19.46 0.89
C GLY B 366 -25.84 -19.33 2.37
N LYS B 367 -24.90 -18.48 2.77
CA LYS B 367 -24.65 -18.37 4.20
C LYS B 367 -24.36 -16.95 4.65
N PHE B 368 -24.23 -16.78 5.96
CA PHE B 368 -23.91 -15.48 6.54
C PHE B 368 -22.40 -15.36 6.54
N ARG B 369 -21.87 -14.21 6.14
CA ARG B 369 -20.42 -13.99 6.16
C ARG B 369 -20.10 -12.67 6.84
N GLU B 370 -18.93 -12.60 7.45
CA GLU B 370 -18.51 -11.39 8.15
C GLU B 370 -18.20 -10.21 7.24
N VAL B 371 -18.81 -9.06 7.51
CA VAL B 371 -18.56 -7.83 6.76
C VAL B 371 -17.93 -6.76 7.67
N VAL B 372 -18.18 -6.85 8.98
CA VAL B 372 -17.58 -5.93 9.95
C VAL B 372 -17.41 -6.60 11.31
N SER B 373 -16.43 -6.11 12.06
CA SER B 373 -16.12 -6.60 13.40
C SER B 373 -15.83 -5.39 14.29
N ALA B 374 -16.20 -5.48 15.56
CA ALA B 374 -15.97 -4.38 16.50
C ALA B 374 -15.53 -4.91 17.88
N SER B 375 -14.40 -4.43 18.37
CA SER B 375 -13.89 -4.89 19.64
C SER B 375 -13.62 -3.78 20.65
N ASN B 376 -13.63 -4.16 21.93
CA ASN B 376 -13.29 -3.26 23.01
C ASN B 376 -12.00 -3.91 23.53
N CYS B 377 -10.90 -3.18 23.43
CA CYS B 377 -9.61 -3.69 23.85
C CYS B 377 -9.23 -3.26 25.25
N THR B 378 -10.14 -2.53 25.90
CA THR B 378 -9.93 -2.00 27.25
C THR B 378 -8.55 -1.36 27.36
N ASP B 379 -7.69 -1.87 28.24
CA ASP B 379 -6.36 -1.30 28.41
C ASP B 379 -5.20 -2.13 27.84
N TRP B 380 -5.54 -3.16 27.06
CA TRP B 380 -4.52 -4.03 26.49
C TRP B 380 -3.57 -3.27 25.56
N GLN B 381 -4.12 -2.52 24.62
CA GLN B 381 -3.27 -1.78 23.69
C GLN B 381 -2.64 -0.60 24.41
N ALA B 382 -3.45 0.14 25.17
CA ALA B 382 -2.94 1.32 25.88
C ALA B 382 -1.72 1.00 26.74
N ARG B 383 -1.74 -0.13 27.42
CA ARG B 383 -0.62 -0.52 28.27
C ARG B 383 0.65 -0.75 27.43
N ARG B 384 0.49 -1.29 26.23
CA ARG B 384 1.63 -1.58 25.35
C ARG B 384 2.18 -0.31 24.68
N LEU B 385 1.28 0.53 24.21
CA LEU B 385 1.71 1.76 23.54
C LEU B 385 1.94 2.89 24.50
N ASN B 386 1.72 2.63 25.78
CA ASN B 386 1.88 3.62 26.83
C ASN B 386 1.02 4.88 26.59
N ILE B 387 -0.29 4.63 26.39
CA ILE B 387 -1.26 5.68 26.17
C ILE B 387 -2.07 5.90 27.46
N ARG B 388 -1.82 7.01 28.15
CA ARG B 388 -2.52 7.32 29.39
C ARG B 388 -3.26 8.67 29.35
N PHE B 389 -3.99 8.97 30.42
CA PHE B 389 -4.72 10.23 30.49
C PHE B 389 -4.87 10.67 31.94
N ARG B 390 -5.17 11.94 32.14
CA ARG B 390 -5.36 12.49 33.48
C ARG B 390 -6.33 13.65 33.36
N ASP B 391 -7.09 13.91 34.42
CA ASP B 391 -8.04 15.04 34.40
C ASP B 391 -7.40 16.23 35.10
N ARG B 392 -6.71 15.92 36.19
CA ARG B 392 -6.02 16.90 37.02
C ARG B 392 -4.52 16.71 36.87
N THR B 393 -3.79 17.79 36.59
CA THR B 393 -2.35 17.69 36.43
C THR B 393 -1.69 17.15 37.70
N ASP B 394 -2.44 17.15 38.79
CA ASP B 394 -1.94 16.65 40.09
C ASP B 394 -1.65 15.14 40.04
N GLU B 395 -2.75 14.39 39.91
CA GLU B 395 -2.86 12.93 39.89
C GLU B 395 -2.12 12.01 38.94
N LYS B 396 -2.00 10.74 39.37
CA LYS B 396 -1.36 9.72 38.58
C LYS B 396 -2.20 9.51 37.35
N PRO B 397 -1.54 9.22 36.22
CA PRO B 397 -2.19 9.00 34.94
C PRO B 397 -2.71 7.58 34.84
N ARG B 398 -3.94 7.46 34.36
CA ARG B 398 -4.56 6.16 34.19
C ARG B 398 -4.47 5.75 32.73
N TYR B 399 -4.54 4.46 32.47
CA TYR B 399 -4.51 3.97 31.10
C TYR B 399 -5.91 4.16 30.51
N VAL B 400 -5.98 4.65 29.27
CA VAL B 400 -7.27 4.84 28.60
C VAL B 400 -7.67 3.48 28.03
N HIS B 401 -8.88 3.40 27.51
CA HIS B 401 -9.30 2.17 26.88
C HIS B 401 -9.35 2.50 25.41
N THR B 402 -9.11 1.50 24.57
CA THR B 402 -9.16 1.72 23.13
C THR B 402 -10.17 0.75 22.54
N LEU B 403 -10.80 1.14 21.45
CA LEU B 403 -11.77 0.29 20.78
C LEU B 403 -11.66 0.56 19.30
N ASN B 404 -12.20 -0.36 18.50
CA ASN B 404 -12.17 -0.19 17.05
C ASN B 404 -13.30 -0.95 16.42
N SER B 405 -13.72 -0.48 15.26
CA SER B 405 -14.78 -1.15 14.55
C SER B 405 -14.82 -0.77 13.10
N THR B 406 -15.18 -1.74 12.27
CA THR B 406 -15.29 -1.54 10.86
C THR B 406 -16.46 -0.60 10.59
N ALA B 407 -16.36 0.19 9.52
CA ALA B 407 -17.47 1.04 9.13
C ALA B 407 -17.87 0.26 7.89
N ILE B 408 -16.93 0.13 6.96
CA ILE B 408 -17.15 -0.63 5.74
C ILE B 408 -15.81 -1.06 5.16
N ALA B 409 -15.68 -2.34 4.82
CA ALA B 409 -14.47 -2.82 4.19
C ALA B 409 -14.98 -3.06 2.77
N THR B 410 -14.68 -2.14 1.86
CA THR B 410 -15.18 -2.21 0.49
C THR B 410 -15.31 -3.56 -0.17
N SER B 411 -14.25 -4.35 -0.12
CA SER B 411 -14.21 -5.68 -0.72
C SER B 411 -15.45 -6.50 -0.31
N ARG B 412 -15.60 -6.71 0.99
CA ARG B 412 -16.72 -7.48 1.48
C ARG B 412 -18.06 -6.81 1.25
N ALA B 413 -18.09 -5.48 1.41
CA ALA B 413 -19.32 -4.75 1.21
C ALA B 413 -19.77 -4.99 -0.22
N ILE B 414 -18.82 -4.96 -1.15
CA ILE B 414 -19.16 -5.17 -2.56
C ILE B 414 -19.69 -6.57 -2.84
N VAL B 415 -19.17 -7.60 -2.17
CA VAL B 415 -19.73 -8.91 -2.46
C VAL B 415 -21.17 -8.97 -1.92
N ALA B 416 -21.43 -8.31 -0.79
CA ALA B 416 -22.78 -8.30 -0.24
C ALA B 416 -23.72 -7.54 -1.19
N ILE B 417 -23.33 -6.36 -1.60
CA ILE B 417 -24.18 -5.62 -2.49
C ILE B 417 -24.44 -6.44 -3.73
N LEU B 418 -23.40 -7.08 -4.25
CA LEU B 418 -23.56 -7.90 -5.45
C LEU B 418 -24.53 -9.09 -5.25
N GLU B 419 -24.17 -10.01 -4.37
CA GLU B 419 -24.99 -11.18 -4.12
C GLU B 419 -26.39 -10.90 -3.59
N ASN B 420 -26.59 -9.72 -3.00
CA ASN B 420 -27.88 -9.37 -2.42
C ASN B 420 -28.84 -8.57 -3.26
N HIS B 421 -28.31 -7.79 -4.20
CA HIS B 421 -29.17 -6.97 -5.02
C HIS B 421 -29.15 -7.42 -6.47
N GLN B 422 -28.80 -8.68 -6.69
CA GLN B 422 -28.76 -9.21 -8.04
C GLN B 422 -30.15 -9.65 -8.50
N GLU B 423 -30.46 -9.36 -9.76
CA GLU B 423 -31.75 -9.77 -10.31
C GLU B 423 -31.49 -11.06 -11.11
N GLU B 424 -32.52 -11.63 -11.71
CA GLU B 424 -32.33 -12.88 -12.44
C GLU B 424 -31.41 -12.81 -13.65
N ASP B 425 -31.47 -11.71 -14.40
CA ASP B 425 -30.62 -11.56 -15.59
C ASP B 425 -29.17 -11.28 -15.23
N GLY B 426 -28.92 -11.14 -13.93
CA GLY B 426 -27.58 -10.87 -13.46
C GLY B 426 -27.29 -9.40 -13.21
N THR B 427 -28.17 -8.50 -13.60
CA THR B 427 -27.88 -7.09 -13.36
C THR B 427 -27.96 -6.83 -11.86
N VAL B 428 -27.19 -5.86 -11.40
CA VAL B 428 -27.18 -5.52 -9.99
C VAL B 428 -27.72 -4.12 -9.77
N ARG B 429 -28.58 -3.98 -8.77
CA ARG B 429 -29.18 -2.70 -8.45
C ARG B 429 -28.43 -2.10 -7.28
N ILE B 430 -27.90 -0.89 -7.48
CA ILE B 430 -27.19 -0.19 -6.43
C ILE B 430 -28.23 0.32 -5.46
N PRO B 431 -28.01 0.18 -4.16
CA PRO B 431 -29.03 0.69 -3.25
C PRO B 431 -29.14 2.21 -3.37
N LYS B 432 -30.35 2.73 -3.17
CA LYS B 432 -30.67 4.17 -3.29
C LYS B 432 -29.69 5.13 -2.58
N VAL B 433 -29.35 4.87 -1.32
CA VAL B 433 -28.44 5.73 -0.57
C VAL B 433 -27.08 5.96 -1.26
N LEU B 434 -26.67 5.03 -2.11
CA LEU B 434 -25.39 5.18 -2.78
C LEU B 434 -25.46 5.92 -4.10
N TRP B 435 -26.66 6.36 -4.49
CA TRP B 435 -26.83 7.07 -5.76
C TRP B 435 -26.10 8.41 -5.87
N LYS B 436 -26.17 9.21 -4.80
CA LYS B 436 -25.48 10.50 -4.79
C LYS B 436 -23.99 10.34 -5.00
N TYR B 437 -23.45 9.15 -4.76
CA TYR B 437 -22.02 8.95 -4.95
C TYR B 437 -21.66 8.27 -6.27
N THR B 438 -22.50 7.36 -6.76
CA THR B 438 -22.18 6.64 -8.00
C THR B 438 -22.73 7.25 -9.27
N GLY B 439 -23.84 7.95 -9.14
CA GLY B 439 -24.44 8.54 -10.32
C GLY B 439 -25.33 7.50 -10.94
N PHE B 440 -24.76 6.34 -11.24
CA PHE B 440 -25.54 5.25 -11.83
C PHE B 440 -26.35 4.51 -10.78
N LYS B 441 -27.52 3.97 -11.17
CA LYS B 441 -28.38 3.26 -10.23
C LYS B 441 -28.26 1.75 -10.30
N GLU B 442 -27.72 1.23 -11.39
CA GLU B 442 -27.59 -0.21 -11.52
C GLU B 442 -26.42 -0.53 -12.40
N ILE B 443 -26.08 -1.81 -12.49
CA ILE B 443 -24.99 -2.25 -13.35
C ILE B 443 -25.49 -3.38 -14.21
N VAL B 444 -25.69 -3.10 -15.49
CA VAL B 444 -26.18 -4.10 -16.42
C VAL B 444 -25.02 -4.88 -17.02
N PRO B 445 -25.26 -6.14 -17.39
CA PRO B 445 -24.25 -7.03 -17.97
C PRO B 445 -23.62 -6.59 -19.29
N VAL B 446 -22.38 -7.01 -19.47
CA VAL B 446 -21.66 -6.72 -20.70
C VAL B 446 -22.25 -7.72 -21.68
N GLU B 447 -22.25 -7.38 -22.96
CA GLU B 447 -22.79 -8.28 -23.96
C GLU B 447 -21.70 -9.17 -24.57
N LYS B 448 -21.41 -10.29 -23.91
CA LYS B 448 -20.40 -11.24 -24.39
C LYS B 448 -20.27 -12.41 -23.43
#